data_3C4M
#
_entry.id   3C4M
#
_cell.length_a   62.919
_cell.length_b   116.791
_cell.length_c   78.416
_cell.angle_alpha   90.000
_cell.angle_beta   108.800
_cell.angle_gamma   90.000
#
_symmetry.space_group_name_H-M   'P 1 21 1'
#
loop_
_entity.id
_entity.type
_entity.pdbx_description
1 polymer 'Fusion protein of Maltose-binding periplasmic protein and Parathyroid hormone/parathyroid hormone-related peptide receptor'
2 polymer 'Parathyroid hormone'
3 branched alpha-D-glucopyranose-(1-4)-alpha-D-glucopyranose
4 water water
#
loop_
_entity_poly.entity_id
_entity_poly.type
_entity_poly.pdbx_seq_one_letter_code
_entity_poly.pdbx_strand_id
1 'polypeptide(L)'
;MAKIEEGKLVIWINGDKGYNGLAEVGKKFEKDTGIKVTVEHPDKLEEKFPQVAATGDGPDIIFWAHDRFGGYAQSGLLAE
ITPDKAFQDKLYPFTWDAVRYNGKLIAYPIAVEALSLIYNKDLLPNPPKTWEEIPALDKELKAKGKSALMFNLQEPYFTW
PLIAADGGYAFKYENGKYDIKDVGVDNAGAKAGLTFLVDLIKNKHMNADTDYSIAEAAFNKGETAMTINGPWAWSNIDTS
KVNYGVTVLPTFKGQPSKPFVGVLSAGINAASPNKELAKEFLENYLLTDEGLEAVNKDKPLGAVALKSYEEELAKDPRIA
ATMENAQKGEIMPNIPQMSAFWYAVRTAVINAASGRQTVDEALKDAQTNAAAEFDDVMTKEEQIFLLHRAQAQCEKRLKE
VLQRPASIMESDKGWTSASTSGKPRKDKASGKLYPESEEDKEAPTGSRYRGRPCLPEWDHILCWPLGAPGEVVAVPCPDY
IYDFNHKGHAYRRCDRNGSWELVPGHNRTWANYSECVKFLTNETREREVFDRLHHHHHH
;
A,B
2 'polypeptide(L)' LNSMERVEWLRKKLQDVHNF(NH2) C,D
#
loop_
_chem_comp.id
_chem_comp.type
_chem_comp.name
_chem_comp.formula
GLC D-saccharide, alpha linking alpha-D-glucopyranose 'C6 H12 O6'
NH2 non-polymer 'AMINO GROUP' 'H2 N'
#
# COMPACT_ATOMS: atom_id res chain seq x y z
N ALA A 2 16.99 -34.64 2.56
CA ALA A 2 17.13 -33.98 3.91
C ALA A 2 15.77 -33.72 4.56
N LYS A 3 15.66 -34.03 5.86
CA LYS A 3 14.47 -33.69 6.65
C LYS A 3 14.83 -32.68 7.76
N ILE A 4 13.87 -31.83 8.13
CA ILE A 4 14.09 -30.79 9.14
C ILE A 4 14.57 -31.37 10.48
N GLU A 5 15.58 -30.72 11.05
CA GLU A 5 16.17 -31.10 12.31
C GLU A 5 16.57 -29.80 13.02
N GLU A 6 16.29 -29.71 14.31
CA GLU A 6 16.67 -28.52 15.08
C GLU A 6 18.21 -28.40 15.07
N GLY A 7 18.72 -27.20 14.80
CA GLY A 7 20.16 -26.96 14.77
C GLY A 7 20.83 -27.12 13.40
N LYS A 8 20.03 -27.29 12.37
CA LYS A 8 20.55 -27.28 10.99
C LYS A 8 19.53 -26.66 10.04
N LEU A 9 19.98 -26.30 8.84
CA LEU A 9 19.08 -25.70 7.85
C LEU A 9 19.00 -26.49 6.56
N VAL A 10 17.76 -26.72 6.13
CA VAL A 10 17.49 -27.26 4.81
C VAL A 10 16.88 -26.12 3.99
N ILE A 11 17.41 -25.91 2.81
CA ILE A 11 16.93 -24.85 1.92
C ILE A 11 16.52 -25.48 0.59
N TRP A 12 15.37 -25.08 0.06
CA TRP A 12 14.97 -25.50 -1.29
C TRP A 12 15.05 -24.33 -2.24
N ILE A 13 15.61 -24.56 -3.42
CA ILE A 13 15.64 -23.53 -4.46
C ILE A 13 15.51 -24.23 -5.83
N ASN A 14 15.03 -23.50 -6.84
CA ASN A 14 14.77 -24.14 -8.14
C ASN A 14 16.08 -24.52 -8.81
N GLY A 15 16.03 -25.59 -9.59
CA GLY A 15 17.22 -26.15 -10.23
C GLY A 15 17.86 -25.26 -11.28
N ASP A 16 17.17 -24.20 -11.70
CA ASP A 16 17.73 -23.24 -12.67
C ASP A 16 18.54 -22.11 -12.01
N LYS A 17 18.49 -22.05 -10.69
CA LYS A 17 19.13 -20.97 -9.94
C LYS A 17 20.50 -21.39 -9.39
N GLY A 18 21.21 -20.44 -8.80
CA GLY A 18 22.58 -20.70 -8.35
C GLY A 18 22.64 -21.47 -7.03
N TYR A 19 22.17 -22.72 -7.04
CA TYR A 19 22.17 -23.51 -5.81
C TYR A 19 23.55 -23.89 -5.27
N ASN A 20 24.53 -24.00 -6.16
CA ASN A 20 25.91 -24.24 -5.73
C ASN A 20 26.53 -23.00 -5.10
N GLY A 21 26.27 -21.83 -5.68
CA GLY A 21 26.65 -20.58 -5.03
C GLY A 21 25.99 -20.42 -3.67
N LEU A 22 24.72 -20.78 -3.57
CA LEU A 22 24.01 -20.75 -2.30
C LEU A 22 24.63 -21.70 -1.27
N ALA A 23 25.09 -22.86 -1.74
CA ALA A 23 25.74 -23.80 -0.84
C ALA A 23 27.11 -23.28 -0.33
N GLU A 24 27.82 -22.50 -1.15
CA GLU A 24 29.02 -21.78 -0.66
C GLU A 24 28.68 -20.81 0.48
N VAL A 25 27.56 -20.11 0.36
CA VAL A 25 27.10 -19.26 1.46
C VAL A 25 26.79 -20.16 2.69
N GLY A 26 26.11 -21.27 2.45
CA GLY A 26 25.85 -22.28 3.51
C GLY A 26 27.13 -22.75 4.19
N LYS A 27 28.18 -22.98 3.40
CA LYS A 27 29.48 -23.46 3.89
C LYS A 27 30.10 -22.42 4.86
N LYS A 28 30.01 -21.14 4.48
CA LYS A 28 30.54 -20.06 5.33
C LYS A 28 29.74 -19.98 6.63
N PHE A 29 28.41 -20.07 6.50
CA PHE A 29 27.53 -20.13 7.67
C PHE A 29 27.92 -21.25 8.62
N GLU A 30 28.26 -22.42 8.06
CA GLU A 30 28.64 -23.58 8.88
C GLU A 30 29.99 -23.37 9.54
N LYS A 31 30.91 -22.75 8.79
CA LYS A 31 32.26 -22.46 9.29
C LYS A 31 32.15 -21.57 10.52
N ASP A 32 31.32 -20.54 10.42
CA ASP A 32 31.18 -19.52 11.45
C ASP A 32 30.38 -19.98 12.66
N THR A 33 29.30 -20.70 12.40
CA THR A 33 28.30 -20.97 13.43
C THR A 33 28.24 -22.44 13.83
N GLY A 34 28.82 -23.31 13.01
CA GLY A 34 28.68 -24.76 13.23
C GLY A 34 27.34 -25.33 12.77
N ILE A 35 26.49 -24.50 12.18
CA ILE A 35 25.17 -24.96 11.70
C ILE A 35 25.27 -25.45 10.26
N LYS A 36 25.04 -26.74 10.04
CA LYS A 36 25.13 -27.31 8.70
C LYS A 36 23.94 -26.89 7.85
N VAL A 37 24.20 -26.57 6.59
CA VAL A 37 23.17 -26.10 5.67
C VAL A 37 23.11 -27.05 4.49
N THR A 38 21.93 -27.61 4.22
CA THR A 38 21.77 -28.46 3.04
C THR A 38 20.90 -27.74 2.03
N VAL A 39 21.42 -27.54 0.81
CA VAL A 39 20.62 -26.92 -0.25
C VAL A 39 20.12 -28.02 -1.18
N GLU A 40 18.82 -28.03 -1.44
CA GLU A 40 18.25 -29.02 -2.36
C GLU A 40 17.50 -28.30 -3.46
N HIS A 41 17.30 -28.99 -4.59
CA HIS A 41 16.52 -28.43 -5.70
C HIS A 41 15.51 -29.43 -6.25
N PRO A 42 14.47 -29.76 -5.45
CA PRO A 42 13.50 -30.75 -5.90
C PRO A 42 12.72 -30.24 -7.10
N ASP A 43 12.26 -31.14 -7.96
CA ASP A 43 11.35 -30.78 -9.05
C ASP A 43 10.02 -30.31 -8.44
N LYS A 44 9.37 -29.33 -9.08
CA LYS A 44 8.04 -28.86 -8.66
C LYS A 44 8.01 -28.48 -7.18
N LEU A 45 9.09 -27.85 -6.70
CA LEU A 45 9.19 -27.51 -5.28
C LEU A 45 8.09 -26.56 -4.83
N GLU A 46 7.60 -25.72 -5.75
CA GLU A 46 6.56 -24.75 -5.44
C GLU A 46 5.20 -25.42 -5.20
N GLU A 47 4.99 -26.59 -5.80
CA GLU A 47 3.79 -27.42 -5.54
C GLU A 47 4.05 -28.37 -4.39
N LYS A 48 5.28 -28.86 -4.29
CA LYS A 48 5.63 -29.82 -3.25
C LYS A 48 5.54 -29.20 -1.84
N PHE A 49 5.97 -27.94 -1.70
CA PHE A 49 6.01 -27.30 -0.39
C PHE A 49 4.66 -27.35 0.34
N PRO A 50 3.58 -26.85 -0.29
CA PRO A 50 2.31 -26.91 0.43
C PRO A 50 1.79 -28.33 0.66
N GLN A 51 2.30 -29.29 -0.11
CA GLN A 51 1.89 -30.69 0.06
C GLN A 51 2.57 -31.37 1.26
N VAL A 52 3.80 -30.99 1.58
CA VAL A 52 4.59 -31.78 2.55
C VAL A 52 4.89 -31.08 3.88
N ALA A 53 4.65 -29.76 3.92
CA ALA A 53 4.96 -28.94 5.10
C ALA A 53 4.31 -29.46 6.39
N ALA A 54 3.04 -29.84 6.29
CA ALA A 54 2.28 -30.33 7.44
C ALA A 54 2.79 -31.67 7.98
N THR A 55 3.51 -32.44 7.16
CA THR A 55 4.05 -33.72 7.65
C THR A 55 5.43 -33.58 8.30
N GLY A 56 6.00 -32.39 8.21
CA GLY A 56 7.34 -32.15 8.72
C GLY A 56 8.38 -32.46 7.66
N ASP A 57 7.95 -32.55 6.41
CA ASP A 57 8.84 -32.90 5.30
C ASP A 57 9.24 -31.70 4.44
N GLY A 58 8.95 -30.49 4.91
CA GLY A 58 9.33 -29.28 4.18
C GLY A 58 10.76 -28.82 4.49
N PRO A 59 11.26 -27.81 3.74
CA PRO A 59 12.53 -27.19 4.10
C PRO A 59 12.35 -26.16 5.23
N ASP A 60 13.46 -25.68 5.80
CA ASP A 60 13.38 -24.55 6.73
C ASP A 60 13.10 -23.28 5.94
N ILE A 61 13.72 -23.18 4.77
CA ILE A 61 13.67 -21.98 3.91
C ILE A 61 13.31 -22.41 2.48
N ILE A 62 12.36 -21.73 1.87
CA ILE A 62 11.96 -21.99 0.48
C ILE A 62 12.16 -20.73 -0.37
N PHE A 63 12.87 -20.91 -1.48
CA PHE A 63 13.10 -19.83 -2.44
C PHE A 63 12.18 -20.03 -3.61
N TRP A 64 11.49 -18.95 -4.01
CA TRP A 64 10.71 -18.97 -5.23
C TRP A 64 10.39 -17.53 -5.56
N ALA A 65 9.95 -17.27 -6.78
CA ALA A 65 9.44 -15.94 -7.10
C ALA A 65 8.26 -15.63 -6.14
N HIS A 66 8.10 -14.34 -5.83
CA HIS A 66 7.15 -13.85 -4.82
C HIS A 66 5.69 -14.24 -5.10
N ASP A 67 5.37 -14.55 -6.36
CA ASP A 67 3.97 -14.77 -6.71
C ASP A 67 3.31 -15.93 -5.98
N ARG A 68 4.08 -16.93 -5.57
CA ARG A 68 3.51 -18.10 -4.87
C ARG A 68 3.28 -17.86 -3.39
N PHE A 69 3.88 -16.80 -2.85
CA PHE A 69 3.93 -16.65 -1.39
C PHE A 69 2.64 -16.19 -0.74
N GLY A 70 1.80 -15.45 -1.45
CA GLY A 70 0.51 -15.07 -0.87
C GLY A 70 -0.32 -16.31 -0.57
N GLY A 71 -0.31 -17.27 -1.50
CA GLY A 71 -1.00 -18.54 -1.30
C GLY A 71 -0.49 -19.31 -0.09
N TYR A 72 0.83 -19.39 0.05
CA TYR A 72 1.43 -20.05 1.21
C TYR A 72 1.04 -19.37 2.52
N ALA A 73 1.05 -18.03 2.49
CA ALA A 73 0.65 -17.22 3.66
C ALA A 73 -0.81 -17.40 4.05
N GLN A 74 -1.72 -17.44 3.06
CA GLN A 74 -3.13 -17.70 3.36
C GLN A 74 -3.32 -19.08 3.99
N SER A 75 -2.48 -20.04 3.59
CA SER A 75 -2.55 -21.41 4.11
C SER A 75 -1.83 -21.62 5.45
N GLY A 76 -1.27 -20.56 6.02
CA GLY A 76 -0.58 -20.62 7.31
C GLY A 76 0.74 -21.36 7.28
N LEU A 77 1.45 -21.33 6.14
CA LEU A 77 2.64 -22.14 5.93
C LEU A 77 3.95 -21.36 6.14
N LEU A 78 3.84 -20.04 6.31
CA LEU A 78 5.04 -19.19 6.43
C LEU A 78 5.14 -18.58 7.84
N ALA A 79 6.35 -18.50 8.36
CA ALA A 79 6.59 -17.78 9.62
C ALA A 79 6.57 -16.29 9.31
N GLU A 80 6.24 -15.46 10.30
CA GLU A 80 6.38 -14.02 10.06
C GLU A 80 7.86 -13.65 10.11
N ILE A 81 8.26 -12.71 9.27
CA ILE A 81 9.63 -12.25 9.30
C ILE A 81 9.63 -10.90 10.00
N THR A 82 10.78 -10.56 10.59
CA THR A 82 10.91 -9.44 11.50
C THR A 82 12.18 -8.60 11.23
N PRO A 83 12.42 -8.21 9.95
CA PRO A 83 13.60 -7.39 9.73
C PRO A 83 13.40 -6.03 10.40
N ASP A 84 14.40 -5.55 11.13
CA ASP A 84 14.28 -4.23 11.73
C ASP A 84 14.40 -3.16 10.66
N LYS A 85 14.16 -1.89 11.03
CA LYS A 85 14.14 -0.82 10.03
C LYS A 85 15.48 -0.65 9.30
N ALA A 86 16.58 -0.78 10.04
CA ALA A 86 17.92 -0.68 9.44
C ALA A 86 18.10 -1.72 8.34
N PHE A 87 17.64 -2.94 8.59
CA PHE A 87 17.80 -3.97 7.57
C PHE A 87 16.95 -3.67 6.34
N GLN A 88 15.69 -3.30 6.56
CA GLN A 88 14.76 -3.07 5.47
C GLN A 88 15.27 -1.95 4.55
N ASP A 89 15.95 -0.97 5.16
CA ASP A 89 16.52 0.16 4.44
C ASP A 89 17.64 -0.25 3.48
N LYS A 90 18.24 -1.43 3.71
CA LYS A 90 19.28 -1.95 2.80
C LYS A 90 18.74 -2.49 1.46
N LEU A 91 17.43 -2.75 1.38
CA LEU A 91 16.83 -3.26 0.15
C LEU A 91 15.87 -2.26 -0.46
N TYR A 92 15.68 -2.33 -1.78
CA TYR A 92 14.78 -1.41 -2.49
C TYR A 92 13.35 -1.61 -2.00
N PRO A 93 12.64 -0.50 -1.68
CA PRO A 93 11.26 -0.55 -1.22
C PRO A 93 10.33 -1.35 -2.13
N PHE A 94 10.53 -1.31 -3.44
CA PHE A 94 9.61 -2.04 -4.27
C PHE A 94 9.80 -3.57 -4.17
N THR A 95 10.99 -4.02 -3.76
CA THR A 95 11.18 -5.44 -3.51
C THR A 95 10.44 -5.89 -2.24
N TRP A 96 10.42 -5.03 -1.21
CA TRP A 96 9.58 -5.30 -0.02
C TRP A 96 8.09 -5.32 -0.38
N ASP A 97 7.64 -4.40 -1.23
CA ASP A 97 6.24 -4.38 -1.68
C ASP A 97 5.81 -5.74 -2.26
N ALA A 98 6.69 -6.39 -3.02
CA ALA A 98 6.35 -7.65 -3.66
C ALA A 98 6.15 -8.80 -2.66
N VAL A 99 6.72 -8.65 -1.47
CA VAL A 99 6.59 -9.66 -0.42
C VAL A 99 5.67 -9.23 0.71
N ARG A 100 4.89 -8.17 0.47
CA ARG A 100 3.91 -7.72 1.45
C ARG A 100 2.55 -8.30 1.12
N TYR A 101 1.96 -8.96 2.12
CA TYR A 101 0.66 -9.60 1.92
C TYR A 101 -0.26 -9.24 3.08
N ASN A 102 -1.40 -8.62 2.77
CA ASN A 102 -2.32 -8.13 3.80
C ASN A 102 -1.60 -7.32 4.88
N GLY A 103 -0.66 -6.50 4.43
CA GLY A 103 0.08 -5.60 5.31
C GLY A 103 1.25 -6.19 6.07
N LYS A 104 1.57 -7.46 5.82
CA LYS A 104 2.69 -8.10 6.52
C LYS A 104 3.76 -8.51 5.52
N LEU A 105 5.02 -8.42 5.94
CA LEU A 105 6.14 -8.94 5.18
C LEU A 105 6.18 -10.42 5.42
N ILE A 106 6.08 -11.20 4.35
CA ILE A 106 5.99 -12.66 4.47
C ILE A 106 7.21 -13.43 3.92
N ALA A 107 8.19 -12.71 3.37
CA ALA A 107 9.42 -13.31 2.88
C ALA A 107 10.47 -12.23 2.72
N TYR A 108 11.70 -12.65 2.50
CA TYR A 108 12.80 -11.74 2.22
C TYR A 108 12.97 -11.67 0.72
N PRO A 109 12.98 -10.46 0.14
CA PRO A 109 13.31 -10.39 -1.29
C PRO A 109 14.81 -10.51 -1.57
N ILE A 110 15.12 -11.19 -2.68
CA ILE A 110 16.49 -11.47 -3.06
C ILE A 110 16.87 -10.74 -4.34
N ALA A 111 16.06 -10.86 -5.39
CA ALA A 111 16.48 -10.33 -6.70
C ALA A 111 15.30 -10.17 -7.63
N VAL A 112 15.39 -9.22 -8.54
CA VAL A 112 14.32 -8.97 -9.49
C VAL A 112 14.65 -9.66 -10.80
N GLU A 113 13.71 -10.47 -11.28
CA GLU A 113 13.85 -11.23 -12.52
C GLU A 113 12.88 -10.76 -13.59
N ALA A 114 13.38 -10.59 -14.81
CA ALA A 114 12.50 -10.45 -15.96
C ALA A 114 13.14 -11.16 -17.15
N LEU A 115 12.28 -11.71 -18.01
CA LEU A 115 12.70 -12.26 -19.29
C LEU A 115 13.22 -11.20 -20.23
N SER A 116 14.26 -11.55 -21.00
CA SER A 116 14.71 -10.73 -22.11
C SER A 116 14.87 -11.55 -23.38
N LEU A 117 15.06 -10.86 -24.49
CA LEU A 117 15.40 -11.52 -25.73
C LEU A 117 16.91 -11.73 -25.73
N ILE A 118 17.32 -12.99 -25.91
CA ILE A 118 18.73 -13.33 -25.99
C ILE A 118 19.03 -13.77 -27.40
N TYR A 119 20.07 -13.23 -28.01
CA TYR A 119 20.31 -13.53 -29.42
C TYR A 119 21.77 -13.84 -29.70
N ASN A 120 21.99 -14.65 -30.73
CA ASN A 120 23.30 -15.05 -31.14
C ASN A 120 23.80 -14.00 -32.15
N LYS A 121 24.80 -13.21 -31.79
CA LYS A 121 25.30 -12.11 -32.64
C LYS A 121 25.96 -12.58 -33.93
N ASP A 122 26.47 -13.80 -33.93
CA ASP A 122 27.10 -14.36 -35.13
C ASP A 122 26.04 -14.73 -36.17
N LEU A 123 24.89 -15.22 -35.71
CA LEU A 123 23.81 -15.60 -36.61
C LEU A 123 22.94 -14.40 -36.99
N LEU A 124 22.86 -13.43 -36.07
CA LEU A 124 21.92 -12.33 -36.17
C LEU A 124 22.52 -11.09 -35.50
N PRO A 125 23.28 -10.28 -36.26
CA PRO A 125 23.92 -9.11 -35.66
C PRO A 125 22.92 -8.09 -35.10
N ASN A 126 21.84 -7.87 -35.84
CA ASN A 126 20.74 -7.00 -35.40
C ASN A 126 19.49 -7.82 -35.09
N PRO A 127 19.13 -7.91 -33.81
CA PRO A 127 17.92 -8.62 -33.36
C PRO A 127 16.66 -7.94 -33.91
N PRO A 128 15.58 -8.71 -34.14
CA PRO A 128 14.37 -8.08 -34.68
C PRO A 128 13.74 -7.20 -33.62
N LYS A 129 13.17 -6.09 -34.03
CA LYS A 129 12.48 -5.21 -33.09
C LYS A 129 11.03 -5.65 -32.86
N THR A 130 10.49 -6.42 -33.80
CA THR A 130 9.08 -6.81 -33.76
C THR A 130 8.93 -8.33 -33.83
N TRP A 131 7.87 -8.83 -33.20
CA TRP A 131 7.46 -10.23 -33.36
C TRP A 131 7.09 -10.51 -34.81
N GLU A 132 6.41 -9.55 -35.43
CA GLU A 132 5.89 -9.70 -36.78
C GLU A 132 6.94 -10.10 -37.84
N GLU A 133 8.19 -9.66 -37.66
CA GLU A 133 9.27 -9.95 -38.61
C GLU A 133 9.98 -11.30 -38.40
N ILE A 134 9.61 -12.01 -37.34
CA ILE A 134 10.22 -13.31 -37.02
C ILE A 134 9.97 -14.41 -38.07
N PRO A 135 8.73 -14.54 -38.58
CA PRO A 135 8.44 -15.53 -39.62
C PRO A 135 9.39 -15.48 -40.83
N ALA A 136 9.65 -14.29 -41.34
CA ALA A 136 10.53 -14.13 -42.52
C ALA A 136 11.99 -14.36 -42.16
N LEU A 137 12.36 -13.93 -40.96
CA LEU A 137 13.69 -14.20 -40.40
C LEU A 137 13.95 -15.71 -40.27
N ASP A 138 12.97 -16.45 -39.75
CA ASP A 138 13.04 -17.92 -39.71
C ASP A 138 13.19 -18.54 -41.09
N LYS A 139 12.48 -18.00 -42.08
CA LYS A 139 12.52 -18.53 -43.46
C LYS A 139 13.96 -18.43 -43.99
N GLU A 140 14.54 -17.26 -43.80
CA GLU A 140 15.93 -16.98 -44.17
C GLU A 140 16.92 -17.93 -43.47
N LEU A 141 16.68 -18.18 -42.18
CA LEU A 141 17.61 -18.99 -41.39
C LEU A 141 17.49 -20.48 -41.66
N LYS A 142 16.27 -20.96 -41.91
CA LYS A 142 16.06 -22.37 -42.26
C LYS A 142 16.89 -22.80 -43.47
N ALA A 143 17.03 -21.88 -44.43
CA ALA A 143 17.82 -22.08 -45.65
C ALA A 143 19.29 -22.31 -45.34
N LYS A 144 19.75 -21.81 -44.20
CA LYS A 144 21.13 -21.98 -43.74
C LYS A 144 21.21 -23.05 -42.64
N GLY A 145 20.13 -23.81 -42.47
CA GLY A 145 20.10 -24.91 -41.52
C GLY A 145 19.98 -24.47 -40.07
N LYS A 146 19.39 -23.30 -39.85
CA LYS A 146 19.15 -22.78 -38.50
C LYS A 146 17.69 -22.38 -38.33
N SER A 147 17.33 -21.93 -37.14
CA SER A 147 15.98 -21.42 -36.88
C SER A 147 16.07 -20.06 -36.18
N ALA A 148 15.00 -19.27 -36.29
CA ALA A 148 15.03 -17.91 -35.74
C ALA A 148 14.96 -17.93 -34.22
N LEU A 149 14.05 -18.73 -33.67
CA LEU A 149 13.66 -18.59 -32.28
C LEU A 149 13.14 -19.88 -31.65
N MET A 150 13.65 -20.18 -30.46
CA MET A 150 13.19 -21.31 -29.67
C MET A 150 13.15 -20.90 -28.22
N PHE A 151 12.00 -21.09 -27.60
CA PHE A 151 11.88 -20.85 -26.17
C PHE A 151 10.88 -21.82 -25.57
N ASN A 152 10.92 -21.92 -24.24
CA ASN A 152 10.01 -22.80 -23.50
C ASN A 152 8.54 -22.48 -23.75
N LEU A 153 7.86 -23.37 -24.47
CA LEU A 153 6.42 -23.22 -24.70
C LEU A 153 5.55 -23.94 -23.69
N GLN A 154 6.18 -24.69 -22.77
CA GLN A 154 5.45 -25.50 -21.80
C GLN A 154 5.05 -24.73 -20.56
N GLU A 155 5.76 -23.65 -20.26
CA GLU A 155 5.44 -22.82 -19.10
C GLU A 155 4.93 -21.46 -19.53
N PRO A 156 3.73 -21.07 -19.07
CA PRO A 156 3.10 -19.84 -19.52
C PRO A 156 3.91 -18.57 -19.17
N TYR A 157 4.78 -18.64 -18.18
CA TYR A 157 5.68 -17.52 -17.88
C TYR A 157 6.37 -16.97 -19.13
N PHE A 158 6.77 -17.85 -20.02
CA PHE A 158 7.57 -17.47 -21.21
C PHE A 158 6.70 -16.96 -22.36
N THR A 159 5.45 -17.45 -22.43
CA THR A 159 4.54 -16.98 -23.48
C THR A 159 3.72 -15.75 -23.10
N TRP A 160 3.55 -15.55 -21.78
CA TRP A 160 2.82 -14.40 -21.26
C TRP A 160 3.20 -13.02 -21.83
N PRO A 161 4.50 -12.71 -21.96
CA PRO A 161 4.85 -11.37 -22.42
C PRO A 161 4.20 -11.02 -23.77
N LEU A 162 4.09 -12.01 -24.65
CA LEU A 162 3.38 -11.87 -25.92
C LEU A 162 1.86 -11.80 -25.73
N ILE A 163 1.33 -12.66 -24.87
CA ILE A 163 -0.10 -12.63 -24.59
C ILE A 163 -0.52 -11.26 -24.04
N ALA A 164 0.30 -10.69 -23.16
CA ALA A 164 -0.02 -9.44 -22.51
C ALA A 164 0.17 -8.22 -23.41
N ALA A 165 1.02 -8.35 -24.44
CA ALA A 165 1.48 -7.18 -25.24
C ALA A 165 0.31 -6.29 -25.70
N ASP A 166 -0.68 -6.90 -26.34
CA ASP A 166 -1.82 -6.17 -26.94
C ASP A 166 -3.06 -6.14 -26.02
N GLY A 167 -2.91 -6.52 -24.76
CA GLY A 167 -4.03 -6.34 -23.82
C GLY A 167 -4.42 -7.42 -22.84
N GLY A 168 -3.82 -8.61 -22.95
CA GLY A 168 -4.06 -9.66 -21.95
C GLY A 168 -3.58 -9.20 -20.58
N TYR A 169 -4.30 -9.61 -19.54
CA TYR A 169 -3.85 -9.33 -18.17
C TYR A 169 -4.37 -10.40 -17.21
N ALA A 170 -3.74 -10.50 -16.05
CA ALA A 170 -4.15 -11.51 -15.07
C ALA A 170 -5.35 -10.94 -14.31
N PHE A 171 -5.06 -9.99 -13.41
CA PHE A 171 -6.12 -9.34 -12.64
C PHE A 171 -6.01 -7.85 -12.79
N LYS A 172 -7.16 -7.18 -12.90
CA LYS A 172 -7.21 -5.74 -12.93
C LYS A 172 -6.95 -5.21 -11.52
N TYR A 173 -6.05 -4.23 -11.40
CA TYR A 173 -5.87 -3.51 -10.14
C TYR A 173 -6.87 -2.36 -10.07
N GLU A 174 -7.82 -2.45 -9.13
CA GLU A 174 -8.86 -1.42 -8.92
C GLU A 174 -9.11 -1.26 -7.42
N ASN A 175 -9.42 -0.04 -6.97
CA ASN A 175 -9.76 0.21 -5.56
C ASN A 175 -8.74 -0.31 -4.54
N GLY A 176 -7.46 -0.18 -4.90
CA GLY A 176 -6.36 -0.51 -3.99
C GLY A 176 -6.09 -1.99 -3.83
N LYS A 177 -6.50 -2.79 -4.83
CA LYS A 177 -6.28 -4.24 -4.76
C LYS A 177 -6.48 -4.88 -6.13
N TYR A 178 -5.96 -6.09 -6.28
CA TYR A 178 -6.26 -6.87 -7.47
C TYR A 178 -7.69 -7.39 -7.36
N ASP A 179 -8.47 -7.15 -8.42
CA ASP A 179 -9.89 -7.49 -8.47
C ASP A 179 -10.00 -8.85 -9.16
N ILE A 180 -10.27 -9.89 -8.38
CA ILE A 180 -10.29 -11.26 -8.92
C ILE A 180 -11.53 -11.54 -9.74
N LYS A 181 -12.48 -10.61 -9.76
CA LYS A 181 -13.63 -10.70 -10.68
C LYS A 181 -13.23 -10.28 -12.10
N ASP A 182 -12.17 -9.47 -12.20
CA ASP A 182 -11.80 -8.86 -13.46
C ASP A 182 -10.52 -9.54 -13.97
N VAL A 183 -10.74 -10.60 -14.73
CA VAL A 183 -9.67 -11.46 -15.27
C VAL A 183 -9.52 -11.18 -16.77
N GLY A 184 -8.29 -11.02 -17.25
CA GLY A 184 -8.06 -10.57 -18.63
C GLY A 184 -7.45 -11.63 -19.55
N VAL A 185 -7.83 -12.88 -19.34
CA VAL A 185 -7.22 -14.00 -20.05
C VAL A 185 -7.86 -14.24 -21.41
N ASP A 186 -9.13 -13.88 -21.57
CA ASP A 186 -9.81 -14.16 -22.83
C ASP A 186 -10.30 -12.91 -23.61
N ASN A 187 -9.62 -11.79 -23.42
CA ASN A 187 -9.97 -10.58 -24.16
C ASN A 187 -9.27 -10.58 -25.54
N ALA A 188 -9.59 -9.60 -26.36
CA ALA A 188 -9.05 -9.49 -27.73
C ALA A 188 -7.51 -9.44 -27.78
N GLY A 189 -6.91 -8.79 -26.79
CA GLY A 189 -5.45 -8.69 -26.71
C GLY A 189 -4.78 -10.04 -26.49
N ALA A 190 -5.30 -10.79 -25.52
CA ALA A 190 -4.76 -12.13 -25.19
C ALA A 190 -4.93 -13.05 -26.41
N LYS A 191 -6.09 -12.97 -27.04
CA LYS A 191 -6.37 -13.78 -28.23
C LYS A 191 -5.45 -13.44 -29.40
N ALA A 192 -5.21 -12.14 -29.62
CA ALA A 192 -4.28 -11.69 -30.68
C ALA A 192 -2.86 -12.24 -30.48
N GLY A 193 -2.37 -12.13 -29.25
CA GLY A 193 -1.03 -12.59 -28.91
C GLY A 193 -0.89 -14.10 -29.07
N LEU A 194 -1.86 -14.85 -28.53
CA LEU A 194 -1.83 -16.31 -28.60
C LEU A 194 -1.97 -16.84 -30.03
N THR A 195 -2.82 -16.19 -30.82
CA THR A 195 -2.95 -16.47 -32.25
C THR A 195 -1.62 -16.32 -32.96
N PHE A 196 -0.92 -15.23 -32.70
CA PHE A 196 0.39 -15.02 -33.29
C PHE A 196 1.36 -16.18 -32.96
N LEU A 197 1.40 -16.60 -31.69
CA LEU A 197 2.19 -17.74 -31.28
C LEU A 197 1.78 -19.04 -31.99
N VAL A 198 0.48 -19.33 -31.99
CA VAL A 198 -0.03 -20.55 -32.62
C VAL A 198 0.25 -20.55 -34.13
N ASP A 199 0.20 -19.37 -34.75
CA ASP A 199 0.57 -19.21 -36.16
C ASP A 199 2.03 -19.55 -36.44
N LEU A 200 2.92 -19.16 -35.52
CA LEU A 200 4.33 -19.52 -35.63
C LEU A 200 4.51 -21.04 -35.65
N ILE A 201 3.73 -21.75 -34.84
CA ILE A 201 3.73 -23.22 -34.78
C ILE A 201 3.12 -23.85 -36.05
N LYS A 202 1.87 -23.49 -36.35
CA LYS A 202 1.23 -23.79 -37.64
C LYS A 202 2.19 -23.70 -38.84
N ASN A 203 2.99 -22.63 -38.89
CA ASN A 203 3.89 -22.36 -40.02
C ASN A 203 5.30 -22.94 -39.84
N LYS A 204 5.46 -23.78 -38.81
CA LYS A 204 6.69 -24.52 -38.53
C LYS A 204 7.90 -23.64 -38.20
N HIS A 205 7.65 -22.45 -37.66
CA HIS A 205 8.72 -21.57 -37.16
C HIS A 205 9.08 -21.96 -35.74
N MET A 206 8.15 -22.61 -35.06
CA MET A 206 8.39 -23.19 -33.74
C MET A 206 7.67 -24.54 -33.64
N ASN A 207 8.05 -25.34 -32.65
CA ASN A 207 7.47 -26.65 -32.41
C ASN A 207 6.76 -26.65 -31.06
N ALA A 208 5.51 -27.11 -31.03
CA ALA A 208 4.70 -27.08 -29.81
C ALA A 208 5.33 -27.83 -28.63
N ASP A 209 6.19 -28.79 -28.92
CA ASP A 209 6.79 -29.63 -27.88
C ASP A 209 7.99 -29.00 -27.19
N THR A 210 8.47 -27.87 -27.71
CA THR A 210 9.66 -27.24 -27.15
C THR A 210 9.52 -26.88 -25.68
N ASP A 211 10.43 -27.42 -24.87
CA ASP A 211 10.48 -27.08 -23.45
C ASP A 211 11.76 -26.31 -23.10
N TYR A 212 11.93 -26.04 -21.81
CA TYR A 212 13.09 -25.30 -21.33
C TYR A 212 14.43 -25.92 -21.79
N SER A 213 14.60 -27.22 -21.57
CA SER A 213 15.88 -27.86 -21.86
C SER A 213 16.18 -27.91 -23.37
N ILE A 214 15.14 -28.18 -24.15
CA ILE A 214 15.28 -28.26 -25.60
C ILE A 214 15.73 -26.91 -26.17
N ALA A 215 15.06 -25.83 -25.74
CA ALA A 215 15.37 -24.50 -26.19
C ALA A 215 16.79 -24.07 -25.77
N GLU A 216 17.12 -24.34 -24.50
CA GLU A 216 18.42 -23.97 -23.93
C GLU A 216 19.55 -24.62 -24.71
N ALA A 217 19.42 -25.94 -24.95
CA ALA A 217 20.45 -26.67 -25.68
C ALA A 217 20.58 -26.18 -27.11
N ALA A 218 19.45 -25.89 -27.76
CA ALA A 218 19.51 -25.45 -29.16
C ALA A 218 20.17 -24.07 -29.27
N PHE A 219 19.90 -23.17 -28.31
CA PHE A 219 20.57 -21.87 -28.33
C PHE A 219 22.05 -22.01 -28.04
N ASN A 220 22.36 -22.74 -26.97
CA ASN A 220 23.74 -22.91 -26.53
C ASN A 220 24.58 -23.73 -27.48
N LYS A 221 23.95 -24.55 -28.31
CA LYS A 221 24.66 -25.26 -29.38
C LYS A 221 24.78 -24.43 -30.66
N GLY A 222 24.13 -23.27 -30.70
CA GLY A 222 24.18 -22.39 -31.87
C GLY A 222 23.21 -22.79 -32.96
N GLU A 223 22.17 -23.53 -32.60
CA GLU A 223 21.22 -24.06 -33.61
C GLU A 223 20.09 -23.08 -33.92
N THR A 224 19.82 -22.20 -32.96
CA THR A 224 18.77 -21.18 -33.09
C THR A 224 19.35 -19.78 -32.79
N ALA A 225 18.84 -18.79 -33.52
CA ALA A 225 19.33 -17.42 -33.45
C ALA A 225 18.92 -16.66 -32.19
N MET A 226 17.81 -17.04 -31.58
CA MET A 226 17.27 -16.34 -30.41
C MET A 226 16.62 -17.27 -29.42
N THR A 227 16.63 -16.89 -28.15
CA THR A 227 15.80 -17.54 -27.17
C THR A 227 15.21 -16.47 -26.24
N ILE A 228 14.29 -16.86 -25.38
CA ILE A 228 13.72 -15.92 -24.42
C ILE A 228 13.95 -16.55 -23.08
N ASN A 229 14.68 -15.85 -22.20
CA ASN A 229 15.04 -16.43 -20.92
C ASN A 229 15.44 -15.37 -19.92
N GLY A 230 15.62 -15.81 -18.68
CA GLY A 230 15.98 -14.92 -17.55
C GLY A 230 17.48 -14.91 -17.30
N PRO A 231 17.93 -14.07 -16.34
CA PRO A 231 19.36 -13.90 -16.06
C PRO A 231 20.07 -15.19 -15.62
N TRP A 232 19.33 -16.10 -15.00
CA TRP A 232 19.90 -17.38 -14.56
C TRP A 232 20.54 -18.17 -15.71
N ALA A 233 20.01 -17.98 -16.93
CA ALA A 233 20.45 -18.72 -18.12
C ALA A 233 21.79 -18.24 -18.68
N TRP A 234 22.23 -17.04 -18.29
CA TRP A 234 23.45 -16.45 -18.86
C TRP A 234 24.72 -17.29 -18.64
N SER A 235 24.84 -17.91 -17.46
CA SER A 235 26.00 -18.73 -17.13
C SER A 235 26.25 -19.86 -18.13
N ASN A 236 25.22 -20.66 -18.41
CA ASN A 236 25.40 -21.73 -19.39
C ASN A 236 25.75 -21.19 -20.77
N ILE A 237 25.24 -20.02 -21.11
CA ILE A 237 25.57 -19.43 -22.41
C ILE A 237 27.04 -19.01 -22.43
N ASP A 238 27.49 -18.42 -21.33
CA ASP A 238 28.90 -18.12 -21.13
C ASP A 238 29.77 -19.36 -21.38
N THR A 239 29.40 -20.49 -20.76
CA THR A 239 30.12 -21.76 -20.91
C THR A 239 30.18 -22.27 -22.35
N SER A 240 29.09 -22.05 -23.10
CA SER A 240 28.97 -22.53 -24.47
C SER A 240 29.80 -21.71 -25.46
N LYS A 241 30.32 -20.57 -25.00
CA LYS A 241 31.04 -19.61 -25.83
C LYS A 241 30.25 -19.11 -27.06
N VAL A 242 28.92 -19.13 -26.98
CA VAL A 242 28.10 -18.48 -28.01
C VAL A 242 28.27 -16.96 -27.83
N ASN A 243 28.46 -16.25 -28.94
CA ASN A 243 28.52 -14.78 -28.94
C ASN A 243 27.12 -14.20 -28.90
N TYR A 244 26.67 -13.83 -27.70
CA TYR A 244 25.27 -13.47 -27.46
C TYR A 244 25.07 -12.07 -26.90
N GLY A 245 23.89 -11.53 -27.15
CA GLY A 245 23.47 -10.27 -26.58
C GLY A 245 22.14 -10.45 -25.88
N VAL A 246 21.81 -9.52 -25.00
CA VAL A 246 20.58 -9.59 -24.20
C VAL A 246 19.90 -8.26 -24.48
N THR A 247 18.65 -8.31 -24.91
CA THR A 247 18.00 -7.08 -25.38
C THR A 247 16.50 -7.01 -25.07
N VAL A 248 15.90 -5.87 -25.41
CA VAL A 248 14.46 -5.69 -25.27
C VAL A 248 13.73 -6.78 -26.09
N LEU A 249 12.67 -7.32 -25.51
CA LEU A 249 11.82 -8.27 -26.21
C LEU A 249 11.18 -7.61 -27.41
N PRO A 250 10.80 -8.39 -28.43
CA PRO A 250 10.22 -7.70 -29.58
C PRO A 250 8.86 -7.10 -29.24
N THR A 251 8.45 -6.08 -30.01
CA THR A 251 7.12 -5.52 -29.84
C THR A 251 6.08 -6.38 -30.57
N PHE A 252 4.83 -6.29 -30.14
CA PHE A 252 3.73 -6.90 -30.86
C PHE A 252 2.66 -5.84 -31.10
N LYS A 253 2.27 -5.65 -32.36
CA LYS A 253 1.38 -4.56 -32.77
C LYS A 253 1.84 -3.22 -32.20
N GLY A 254 3.15 -2.97 -32.32
CA GLY A 254 3.75 -1.72 -31.90
C GLY A 254 3.94 -1.57 -30.39
N GLN A 255 3.41 -2.52 -29.62
CA GLN A 255 3.41 -2.45 -28.16
C GLN A 255 4.52 -3.30 -27.58
N PRO A 256 5.08 -2.87 -26.44
CA PRO A 256 6.10 -3.73 -25.83
C PRO A 256 5.52 -5.05 -25.38
N SER A 257 6.33 -6.11 -25.47
CA SER A 257 6.02 -7.33 -24.77
C SER A 257 6.08 -7.01 -23.28
N LYS A 258 5.16 -7.56 -22.51
CA LYS A 258 5.06 -7.21 -21.09
C LYS A 258 5.33 -8.44 -20.22
N PRO A 259 6.61 -8.72 -19.90
CA PRO A 259 6.85 -9.92 -19.08
C PRO A 259 6.28 -9.72 -17.66
N PHE A 260 5.88 -10.81 -16.99
CA PHE A 260 5.44 -10.73 -15.59
C PHE A 260 6.73 -10.74 -14.77
N VAL A 261 6.94 -9.72 -13.94
CA VAL A 261 8.22 -9.56 -13.23
C VAL A 261 8.18 -10.33 -11.91
N GLY A 262 9.22 -11.13 -11.64
CA GLY A 262 9.28 -11.89 -10.40
C GLY A 262 10.34 -11.34 -9.48
N VAL A 263 10.09 -11.37 -8.18
CA VAL A 263 11.12 -11.09 -7.20
C VAL A 263 11.43 -12.41 -6.53
N LEU A 264 12.60 -12.97 -6.82
CA LEU A 264 12.99 -14.21 -6.12
C LEU A 264 13.03 -13.86 -4.65
N SER A 265 12.41 -14.70 -3.83
CA SER A 265 12.18 -14.40 -2.41
C SER A 265 12.42 -15.64 -1.56
N ALA A 266 12.74 -15.44 -0.29
CA ALA A 266 12.98 -16.56 0.61
C ALA A 266 12.03 -16.50 1.79
N GLY A 267 11.18 -17.52 1.92
CA GLY A 267 10.25 -17.60 3.03
C GLY A 267 10.69 -18.66 4.01
N ILE A 268 10.21 -18.56 5.23
CA ILE A 268 10.58 -19.47 6.29
C ILE A 268 9.35 -20.33 6.60
N ASN A 269 9.55 -21.65 6.62
CA ASN A 269 8.48 -22.61 6.93
C ASN A 269 7.94 -22.39 8.35
N ALA A 270 6.62 -22.29 8.46
CA ALA A 270 5.96 -22.16 9.77
C ALA A 270 6.32 -23.33 10.69
N ALA A 271 6.57 -24.50 10.10
CA ALA A 271 6.91 -25.70 10.84
C ALA A 271 8.39 -25.88 11.17
N SER A 272 9.27 -24.98 10.70
CA SER A 272 10.69 -25.02 11.05
C SER A 272 10.96 -24.69 12.52
N PRO A 273 11.74 -25.54 13.22
CA PRO A 273 12.21 -25.19 14.57
C PRO A 273 13.46 -24.31 14.52
N ASN A 274 13.85 -23.90 13.30
CA ASN A 274 15.09 -23.14 13.09
C ASN A 274 14.85 -21.72 12.57
N LYS A 275 13.73 -21.12 12.95
CA LYS A 275 13.37 -19.79 12.43
C LYS A 275 14.41 -18.71 12.74
N GLU A 276 15.00 -18.73 13.94
CA GLU A 276 16.00 -17.73 14.26
C GLU A 276 17.29 -17.95 13.47
N LEU A 277 17.69 -19.22 13.31
CA LEU A 277 18.86 -19.50 12.44
C LEU A 277 18.63 -19.11 10.99
N ALA A 278 17.41 -19.34 10.50
CA ALA A 278 17.05 -18.98 9.13
C ALA A 278 17.16 -17.46 8.91
N LYS A 279 16.66 -16.69 9.87
CA LYS A 279 16.78 -15.24 9.86
C LYS A 279 18.26 -14.81 9.84
N GLU A 280 19.08 -15.40 10.71
CA GLU A 280 20.51 -15.07 10.77
C GLU A 280 21.18 -15.35 9.42
N PHE A 281 20.87 -16.50 8.85
CA PHE A 281 21.45 -16.88 7.56
C PHE A 281 21.04 -15.89 6.47
N LEU A 282 19.75 -15.56 6.42
CA LEU A 282 19.24 -14.73 5.34
C LEU A 282 19.73 -13.29 5.44
N GLU A 283 19.65 -12.70 6.64
CA GLU A 283 20.00 -11.30 6.83
C GLU A 283 21.49 -11.07 6.86
N ASN A 284 22.24 -11.96 7.53
CA ASN A 284 23.64 -11.69 7.80
C ASN A 284 24.63 -12.45 6.91
N TYR A 285 24.14 -13.40 6.13
CA TYR A 285 25.02 -14.15 5.25
C TYR A 285 24.62 -14.02 3.81
N LEU A 286 23.38 -14.33 3.47
CA LEU A 286 22.96 -14.29 2.07
C LEU A 286 22.81 -12.86 1.57
N LEU A 287 22.06 -12.04 2.33
CA LEU A 287 21.76 -10.67 1.87
C LEU A 287 22.91 -9.70 2.20
N THR A 288 24.11 -10.03 1.70
CA THR A 288 25.30 -9.21 1.86
C THR A 288 25.92 -9.12 0.47
N ASP A 289 26.83 -8.18 0.27
CA ASP A 289 27.56 -8.10 -1.00
C ASP A 289 28.21 -9.44 -1.36
N GLU A 290 28.89 -10.07 -0.38
CA GLU A 290 29.62 -11.32 -0.59
C GLU A 290 28.70 -12.53 -0.81
N GLY A 291 27.60 -12.58 -0.08
CA GLY A 291 26.61 -13.66 -0.19
C GLY A 291 25.95 -13.64 -1.55
N LEU A 292 25.47 -12.48 -1.97
CA LEU A 292 24.82 -12.38 -3.26
C LEU A 292 25.83 -12.62 -4.38
N GLU A 293 27.05 -12.11 -4.24
CA GLU A 293 28.07 -12.36 -5.28
C GLU A 293 28.33 -13.86 -5.50
N ALA A 294 28.44 -14.62 -4.41
CA ALA A 294 28.62 -16.06 -4.50
C ALA A 294 27.47 -16.74 -5.31
N VAL A 295 26.22 -16.41 -4.98
CA VAL A 295 25.06 -16.96 -5.71
C VAL A 295 25.08 -16.46 -7.16
N ASN A 296 25.30 -15.15 -7.33
CA ASN A 296 25.32 -14.54 -8.65
C ASN A 296 26.39 -15.09 -9.61
N LYS A 297 27.55 -15.44 -9.06
CA LYS A 297 28.66 -15.96 -9.86
C LYS A 297 28.35 -17.37 -10.33
N ASP A 298 27.46 -18.05 -9.62
CA ASP A 298 27.01 -19.38 -10.02
C ASP A 298 26.03 -19.23 -11.20
N LYS A 299 24.85 -18.67 -10.92
CA LYS A 299 23.87 -18.33 -11.95
C LYS A 299 23.39 -16.90 -11.64
N PRO A 300 23.48 -15.98 -12.62
CA PRO A 300 23.05 -14.62 -12.32
C PRO A 300 21.64 -14.47 -11.79
N LEU A 301 21.52 -13.67 -10.73
CA LEU A 301 20.24 -13.42 -10.03
C LEU A 301 19.34 -12.43 -10.74
N GLY A 302 19.92 -11.54 -11.54
CA GLY A 302 19.19 -10.38 -12.08
C GLY A 302 19.51 -9.12 -11.31
N ALA A 303 18.52 -8.27 -11.08
CA ALA A 303 18.75 -7.02 -10.33
C ALA A 303 18.57 -7.30 -8.85
N VAL A 304 19.65 -7.34 -8.09
CA VAL A 304 19.49 -7.78 -6.69
C VAL A 304 18.77 -6.75 -5.83
N ALA A 305 18.11 -7.24 -4.78
CA ALA A 305 17.28 -6.38 -3.92
C ALA A 305 18.16 -5.53 -3.01
N LEU A 306 19.39 -6.00 -2.78
CA LEU A 306 20.34 -5.26 -1.94
C LEU A 306 20.97 -4.09 -2.68
N LYS A 307 20.67 -2.87 -2.24
CA LYS A 307 21.09 -1.66 -2.97
C LYS A 307 22.61 -1.56 -3.21
N SER A 308 23.41 -1.85 -2.18
CA SER A 308 24.86 -1.73 -2.30
C SER A 308 25.38 -2.60 -3.44
N TYR A 309 24.89 -3.82 -3.56
CA TYR A 309 25.42 -4.72 -4.59
C TYR A 309 24.77 -4.44 -5.96
N GLU A 310 23.48 -4.10 -5.95
CA GLU A 310 22.81 -3.71 -7.20
C GLU A 310 23.51 -2.55 -7.88
N GLU A 311 24.07 -1.62 -7.12
CA GLU A 311 24.74 -0.46 -7.69
C GLU A 311 25.95 -0.88 -8.56
N GLU A 312 26.66 -1.94 -8.15
CA GLU A 312 27.67 -2.55 -9.03
C GLU A 312 27.01 -3.18 -10.25
N LEU A 313 26.16 -4.18 -10.03
CA LEU A 313 25.61 -4.96 -11.12
C LEU A 313 24.88 -4.14 -12.19
N ALA A 314 24.45 -2.92 -11.84
CA ALA A 314 23.59 -2.13 -12.73
C ALA A 314 24.31 -1.72 -14.01
N LYS A 315 25.64 -1.66 -13.95
CA LYS A 315 26.46 -1.29 -15.08
C LYS A 315 26.58 -2.38 -16.16
N ASP A 316 26.17 -3.60 -15.83
CA ASP A 316 26.16 -4.73 -16.76
C ASP A 316 25.07 -4.49 -17.82
N PRO A 317 25.44 -4.47 -19.12
CA PRO A 317 24.42 -4.25 -20.15
C PRO A 317 23.31 -5.28 -20.18
N ARG A 318 23.60 -6.48 -19.70
CA ARG A 318 22.59 -7.53 -19.64
C ARG A 318 21.58 -7.25 -18.52
N ILE A 319 22.07 -6.68 -17.41
CA ILE A 319 21.16 -6.25 -16.35
C ILE A 319 20.36 -5.01 -16.83
N ALA A 320 21.01 -4.09 -17.56
CA ALA A 320 20.29 -2.93 -18.12
C ALA A 320 19.09 -3.36 -18.99
N ALA A 321 19.30 -4.35 -19.88
CA ALA A 321 18.24 -4.95 -20.67
C ALA A 321 17.16 -5.65 -19.82
N THR A 322 17.55 -6.35 -18.77
CA THR A 322 16.62 -6.98 -17.84
C THR A 322 15.66 -5.94 -17.21
N MET A 323 16.24 -4.83 -16.72
CA MET A 323 15.48 -3.75 -16.12
C MET A 323 14.62 -3.02 -17.13
N GLU A 324 15.08 -2.93 -18.39
CA GLU A 324 14.27 -2.35 -19.47
C GLU A 324 13.01 -3.19 -19.71
N ASN A 325 13.18 -4.50 -19.84
CA ASN A 325 12.04 -5.40 -19.99
C ASN A 325 11.15 -5.41 -18.74
N ALA A 326 11.76 -5.38 -17.57
CA ALA A 326 11.00 -5.31 -16.31
C ALA A 326 10.09 -4.06 -16.26
N GLN A 327 10.60 -2.91 -16.66
CA GLN A 327 9.78 -1.69 -16.62
C GLN A 327 8.65 -1.70 -17.64
N LYS A 328 8.88 -2.38 -18.76
CA LYS A 328 7.83 -2.51 -19.78
C LYS A 328 6.80 -3.56 -19.36
N GLY A 329 7.18 -4.43 -18.44
CA GLY A 329 6.30 -5.47 -17.92
C GLY A 329 5.55 -5.00 -16.68
N GLU A 330 5.11 -5.95 -15.86
CA GLU A 330 4.41 -5.63 -14.63
C GLU A 330 4.81 -6.60 -13.54
N ILE A 331 4.93 -6.12 -12.31
CA ILE A 331 5.25 -7.00 -11.20
C ILE A 331 4.09 -7.99 -11.03
N MET A 332 4.38 -9.26 -10.78
CA MET A 332 3.30 -10.21 -10.55
C MET A 332 2.57 -9.89 -9.25
N PRO A 333 1.24 -10.11 -9.22
CA PRO A 333 0.55 -10.11 -7.95
C PRO A 333 1.07 -11.25 -7.10
N ASN A 334 0.89 -11.19 -5.79
CA ASN A 334 1.24 -12.32 -4.92
C ASN A 334 0.01 -12.95 -4.31
N ILE A 335 -1.17 -12.57 -4.81
CA ILE A 335 -2.43 -13.04 -4.25
C ILE A 335 -2.58 -14.58 -4.37
N PRO A 336 -3.33 -15.22 -3.46
CA PRO A 336 -3.47 -16.69 -3.50
C PRO A 336 -4.01 -17.22 -4.83
N GLN A 337 -4.69 -16.36 -5.59
CA GLN A 337 -5.32 -16.75 -6.86
C GLN A 337 -4.33 -16.92 -8.02
N MET A 338 -3.09 -16.51 -7.80
CA MET A 338 -2.05 -16.64 -8.83
C MET A 338 -1.82 -18.08 -9.34
N SER A 339 -1.77 -19.07 -8.47
CA SER A 339 -1.52 -20.45 -8.93
C SER A 339 -2.65 -20.92 -9.86
N ALA A 340 -3.89 -20.58 -9.53
CA ALA A 340 -5.02 -20.90 -10.41
C ALA A 340 -4.95 -20.16 -11.76
N PHE A 341 -4.56 -18.89 -11.70
CA PHE A 341 -4.30 -18.14 -12.93
C PHE A 341 -3.25 -18.86 -13.81
N TRP A 342 -2.12 -19.22 -13.22
CA TRP A 342 -1.07 -19.85 -14.01
C TRP A 342 -1.53 -21.19 -14.60
N TYR A 343 -2.27 -21.97 -13.80
CA TYR A 343 -2.78 -23.26 -14.26
C TYR A 343 -3.68 -23.08 -15.48
N ALA A 344 -4.61 -22.12 -15.40
CA ALA A 344 -5.52 -21.85 -16.50
C ALA A 344 -4.75 -21.46 -17.77
N VAL A 345 -3.81 -20.54 -17.65
CA VAL A 345 -3.03 -20.10 -18.82
C VAL A 345 -2.14 -21.22 -19.36
N ARG A 346 -1.51 -21.99 -18.47
CA ARG A 346 -0.68 -23.13 -18.90
C ARG A 346 -1.46 -24.06 -19.83
N THR A 347 -2.70 -24.39 -19.41
CA THR A 347 -3.57 -25.31 -20.13
C THR A 347 -4.03 -24.68 -21.44
N ALA A 348 -4.44 -23.43 -21.37
CA ALA A 348 -4.85 -22.71 -22.57
C ALA A 348 -3.73 -22.74 -23.61
N VAL A 349 -2.50 -22.41 -23.22
CA VAL A 349 -1.39 -22.32 -24.18
C VAL A 349 -1.07 -23.70 -24.76
N ILE A 350 -0.85 -24.68 -23.90
CA ILE A 350 -0.66 -26.08 -24.32
C ILE A 350 -1.75 -26.57 -25.28
N ASN A 351 -3.03 -26.31 -24.95
CA ASN A 351 -4.13 -26.78 -25.80
C ASN A 351 -4.19 -26.10 -27.16
N ALA A 352 -3.99 -24.78 -27.17
CA ALA A 352 -3.94 -24.01 -28.41
C ALA A 352 -2.76 -24.46 -29.28
N ALA A 353 -1.59 -24.60 -28.67
CA ALA A 353 -0.36 -24.91 -29.40
C ALA A 353 -0.36 -26.32 -30.02
N SER A 354 -1.12 -27.22 -29.40
CA SER A 354 -1.15 -28.62 -29.81
C SER A 354 -2.33 -28.91 -30.73
N GLY A 355 -3.19 -27.91 -30.94
CA GLY A 355 -4.34 -28.05 -31.83
C GLY A 355 -5.56 -28.70 -31.20
N ARG A 356 -5.45 -29.07 -29.93
CA ARG A 356 -6.59 -29.62 -29.17
C ARG A 356 -7.77 -28.67 -29.15
N GLN A 357 -7.47 -27.37 -29.02
CA GLN A 357 -8.48 -26.34 -29.03
C GLN A 357 -8.07 -25.21 -29.96
N THR A 358 -9.05 -24.47 -30.47
CA THR A 358 -8.78 -23.19 -31.13
C THR A 358 -8.34 -22.19 -30.05
N VAL A 359 -7.76 -21.07 -30.47
CA VAL A 359 -7.26 -20.09 -29.52
C VAL A 359 -8.41 -19.57 -28.67
N ASP A 360 -9.52 -19.25 -29.33
CA ASP A 360 -10.66 -18.66 -28.66
C ASP A 360 -11.29 -19.63 -27.65
N GLU A 361 -11.40 -20.90 -28.03
CA GLU A 361 -11.90 -21.94 -27.13
C GLU A 361 -11.02 -22.12 -25.90
N ALA A 362 -9.71 -22.16 -26.11
CA ALA A 362 -8.73 -22.42 -25.07
C ALA A 362 -8.70 -21.33 -24.02
N LEU A 363 -8.77 -20.07 -24.46
CA LEU A 363 -8.73 -18.94 -23.54
C LEU A 363 -10.08 -18.72 -22.88
N LYS A 364 -11.16 -18.93 -23.63
CA LYS A 364 -12.50 -18.87 -23.05
C LYS A 364 -12.60 -19.90 -21.93
N ASP A 365 -12.05 -21.09 -22.16
CA ASP A 365 -12.13 -22.15 -21.16
C ASP A 365 -11.29 -21.82 -19.93
N ALA A 366 -10.08 -21.32 -20.16
CA ALA A 366 -9.19 -20.90 -19.10
C ALA A 366 -9.82 -19.81 -18.26
N GLN A 367 -10.34 -18.77 -18.91
CA GLN A 367 -11.08 -17.68 -18.25
C GLN A 367 -12.25 -18.24 -17.44
N THR A 368 -13.08 -19.08 -18.05
CA THR A 368 -14.24 -19.69 -17.41
C THR A 368 -13.88 -20.51 -16.16
N ASN A 369 -12.87 -21.37 -16.30
CA ASN A 369 -12.45 -22.23 -15.19
C ASN A 369 -11.81 -21.47 -14.02
N ALA A 370 -10.94 -20.52 -14.34
CA ALA A 370 -10.38 -19.63 -13.32
C ALA A 370 -11.47 -18.86 -12.59
N ALA A 371 -12.36 -18.20 -13.36
CA ALA A 371 -13.46 -17.41 -12.79
C ALA A 371 -14.40 -18.25 -11.94
N ALA A 372 -14.73 -19.46 -12.41
CA ALA A 372 -15.53 -20.39 -11.60
C ALA A 372 -14.96 -20.55 -10.19
N GLU A 373 -13.66 -20.70 -10.07
CA GLU A 373 -13.00 -20.84 -8.78
C GLU A 373 -13.06 -19.55 -7.93
N PHE A 374 -12.60 -18.46 -8.52
CA PHE A 374 -12.59 -17.14 -7.87
C PHE A 374 -13.99 -16.66 -7.43
N ASP A 375 -14.99 -16.89 -8.29
CA ASP A 375 -16.37 -16.46 -8.05
C ASP A 375 -17.10 -17.27 -6.99
N ASP A 376 -16.50 -18.39 -6.57
CA ASP A 376 -17.08 -19.24 -5.54
C ASP A 376 -16.73 -18.79 -4.13
N VAL A 377 -15.68 -17.99 -3.98
CA VAL A 377 -15.22 -17.55 -2.66
C VAL A 377 -16.33 -16.91 -1.84
N MET A 378 -16.86 -15.79 -2.34
CA MET A 378 -17.83 -14.99 -1.59
C MET A 378 -19.25 -15.55 -1.50
N THR A 379 -19.69 -15.85 -0.27
CA THR A 379 -21.04 -16.33 -0.01
C THR A 379 -22.05 -15.18 -0.18
N LYS A 380 -23.31 -15.53 -0.41
CA LYS A 380 -24.38 -14.56 -0.41
C LYS A 380 -24.41 -13.80 0.92
N GLU A 381 -24.30 -14.54 2.03
CA GLU A 381 -24.27 -13.97 3.38
C GLU A 381 -23.19 -12.89 3.50
N GLU A 382 -21.98 -13.19 3.03
CA GLU A 382 -20.93 -12.19 3.09
C GLU A 382 -21.29 -10.96 2.26
N GLN A 383 -21.84 -11.18 1.06
CA GLN A 383 -22.15 -10.08 0.16
C GLN A 383 -23.25 -9.16 0.74
N ILE A 384 -24.26 -9.76 1.36
CA ILE A 384 -25.27 -9.02 2.12
C ILE A 384 -24.64 -8.20 3.25
N PHE A 385 -23.70 -8.80 3.98
CA PHE A 385 -23.03 -8.11 5.09
C PHE A 385 -22.30 -6.88 4.58
N LEU A 386 -21.61 -7.02 3.45
CA LEU A 386 -20.83 -5.92 2.83
C LEU A 386 -21.71 -4.76 2.34
N LEU A 387 -22.88 -5.09 1.80
CA LEU A 387 -23.82 -4.07 1.40
C LEU A 387 -24.42 -3.39 2.63
N HIS A 388 -24.74 -4.18 3.65
CA HIS A 388 -25.27 -3.63 4.90
C HIS A 388 -24.29 -2.63 5.52
N ARG A 389 -23.01 -2.95 5.48
CA ARG A 389 -21.98 -2.04 6.00
C ARG A 389 -22.00 -0.74 5.23
N ALA A 390 -22.16 -0.84 3.90
CA ALA A 390 -22.22 0.33 3.04
C ALA A 390 -23.50 1.13 3.28
N GLN A 391 -24.60 0.43 3.56
CA GLN A 391 -25.86 1.09 3.93
C GLN A 391 -25.72 1.91 5.22
N ALA A 392 -25.12 1.30 6.25
CA ALA A 392 -24.93 1.97 7.53
C ALA A 392 -24.03 3.19 7.38
N GLN A 393 -23.07 3.11 6.46
CA GLN A 393 -22.23 4.26 6.13
C GLN A 393 -23.03 5.38 5.48
N CYS A 394 -23.90 5.03 4.54
CA CYS A 394 -24.75 6.02 3.90
C CYS A 394 -25.68 6.69 4.90
N GLU A 395 -26.25 5.91 5.82
CA GLU A 395 -27.17 6.43 6.85
C GLU A 395 -26.47 7.38 7.81
N LYS A 396 -25.18 7.15 8.04
CA LYS A 396 -24.34 8.11 8.77
C LYS A 396 -24.21 9.43 7.99
N ARG A 397 -23.82 9.34 6.72
CA ARG A 397 -23.71 10.50 5.84
C ARG A 397 -25.02 11.28 5.76
N LEU A 398 -26.14 10.56 5.64
CA LEU A 398 -27.48 11.16 5.57
C LEU A 398 -27.90 11.90 6.84
N LYS A 399 -27.52 11.36 7.99
CA LYS A 399 -27.79 11.99 9.29
C LYS A 399 -27.00 13.30 9.49
N GLU A 400 -25.87 13.42 8.78
CA GLU A 400 -24.98 14.57 8.93
C GLU A 400 -25.32 15.71 7.98
N VAL A 401 -26.24 15.47 7.04
CA VAL A 401 -26.71 16.50 6.10
C VAL A 401 -27.62 17.50 6.81
N ARG A 452 -28.96 25.01 -6.21
CA ARG A 452 -28.83 24.06 -5.10
C ARG A 452 -28.29 22.72 -5.60
N PRO A 453 -27.40 22.07 -4.82
CA PRO A 453 -26.92 20.78 -5.29
C PRO A 453 -27.87 19.65 -4.87
N CYS A 454 -27.91 18.57 -5.69
CA CYS A 454 -28.62 17.36 -5.31
C CYS A 454 -28.00 16.76 -4.05
N LEU A 455 -28.80 16.05 -3.25
CA LEU A 455 -28.38 15.58 -1.94
C LEU A 455 -28.09 14.07 -1.88
N PRO A 456 -27.21 13.64 -0.96
CA PRO A 456 -26.95 12.21 -0.79
C PRO A 456 -28.21 11.41 -0.50
N GLU A 457 -28.30 10.22 -1.11
CA GLU A 457 -29.34 9.24 -0.76
C GLU A 457 -28.91 7.81 -1.06
N TRP A 458 -29.54 6.87 -0.35
CA TRP A 458 -29.31 5.44 -0.54
C TRP A 458 -30.31 4.90 -1.56
N ASP A 459 -29.81 4.21 -2.58
CA ASP A 459 -30.70 3.67 -3.62
C ASP A 459 -30.88 2.15 -3.58
N HIS A 460 -30.39 1.54 -2.48
CA HIS A 460 -30.40 0.09 -2.21
C HIS A 460 -29.06 -0.59 -2.58
N ILE A 461 -28.26 0.08 -3.41
CA ILE A 461 -26.92 -0.42 -3.73
C ILE A 461 -25.83 0.60 -3.43
N LEU A 462 -26.03 1.85 -3.85
CA LEU A 462 -25.02 2.84 -3.53
C LEU A 462 -25.49 4.17 -2.95
N CYS A 463 -24.59 4.77 -2.19
CA CYS A 463 -24.82 6.09 -1.61
C CYS A 463 -24.36 7.10 -2.65
N TRP A 464 -25.28 7.91 -3.13
CA TRP A 464 -24.95 8.98 -4.05
C TRP A 464 -24.40 10.17 -3.27
N PRO A 465 -23.42 10.89 -3.85
CA PRO A 465 -22.87 12.06 -3.17
C PRO A 465 -23.69 13.32 -3.48
N LEU A 466 -23.10 14.49 -3.26
CA LEU A 466 -23.66 15.72 -3.79
C LEU A 466 -23.55 15.69 -5.31
N GLY A 467 -24.56 16.24 -5.97
CA GLY A 467 -24.54 16.43 -7.42
C GLY A 467 -24.65 17.91 -7.72
N ALA A 468 -23.81 18.39 -8.64
CA ALA A 468 -23.87 19.78 -9.08
C ALA A 468 -25.15 20.03 -9.87
N PRO A 469 -25.74 21.22 -9.70
CA PRO A 469 -26.93 21.62 -10.47
C PRO A 469 -26.77 21.44 -11.99
N GLY A 470 -27.69 20.66 -12.57
CA GLY A 470 -27.78 20.46 -14.01
C GLY A 470 -26.69 19.57 -14.60
N GLU A 471 -26.20 18.62 -13.80
CA GLU A 471 -25.03 17.83 -14.16
C GLU A 471 -25.29 16.33 -14.14
N VAL A 472 -24.51 15.61 -14.94
CA VAL A 472 -24.48 14.14 -14.87
C VAL A 472 -23.51 13.72 -13.77
N VAL A 473 -24.02 12.96 -12.80
CA VAL A 473 -23.21 12.48 -11.67
C VAL A 473 -22.72 11.05 -11.92
N ALA A 474 -21.40 10.86 -11.87
CA ALA A 474 -20.79 9.55 -12.08
C ALA A 474 -20.11 9.05 -10.81
N VAL A 475 -20.47 7.85 -10.37
CA VAL A 475 -19.91 7.22 -9.18
C VAL A 475 -19.25 5.90 -9.59
N PRO A 476 -17.99 5.67 -9.18
CA PRO A 476 -17.38 4.39 -9.56
C PRO A 476 -18.24 3.23 -9.10
N CYS A 477 -18.41 2.21 -9.94
CA CYS A 477 -19.19 1.01 -9.54
C CYS A 477 -18.61 0.44 -8.25
N PRO A 478 -19.47 0.28 -7.22
CA PRO A 478 -18.94 0.10 -5.88
C PRO A 478 -18.14 -1.19 -5.66
N ASP A 479 -16.98 -1.03 -5.02
CA ASP A 479 -16.08 -2.10 -4.69
C ASP A 479 -16.74 -3.23 -3.89
N TYR A 480 -17.67 -2.89 -3.01
CA TYR A 480 -18.26 -3.88 -2.10
C TYR A 480 -19.24 -4.82 -2.79
N ILE A 481 -19.56 -4.58 -4.07
CA ILE A 481 -20.38 -5.51 -4.89
C ILE A 481 -19.42 -6.37 -5.71
N TYR A 482 -19.22 -7.62 -5.28
CA TYR A 482 -18.16 -8.48 -5.83
C TYR A 482 -18.22 -8.61 -7.36
N ASP A 483 -19.43 -8.79 -7.88
CA ASP A 483 -19.66 -9.16 -9.28
C ASP A 483 -19.74 -7.98 -10.24
N PHE A 484 -19.65 -6.76 -9.72
CA PHE A 484 -19.69 -5.57 -10.56
C PHE A 484 -18.37 -5.41 -11.28
N ASN A 485 -18.42 -4.71 -12.41
CA ASN A 485 -17.25 -4.26 -13.13
C ASN A 485 -16.73 -2.99 -12.44
N HIS A 486 -15.52 -3.03 -11.90
CA HIS A 486 -15.05 -1.92 -11.07
C HIS A 486 -14.28 -0.83 -11.80
N LYS A 487 -14.10 -1.01 -13.10
CA LYS A 487 -13.55 0.09 -13.89
C LYS A 487 -14.65 0.92 -14.56
N GLY A 488 -15.90 0.62 -14.23
CA GLY A 488 -17.06 1.36 -14.74
C GLY A 488 -17.64 2.34 -13.72
N HIS A 489 -18.58 3.17 -14.16
CA HIS A 489 -19.28 4.11 -13.29
C HIS A 489 -20.78 3.92 -13.42
N ALA A 490 -21.51 4.17 -12.33
CA ALA A 490 -22.95 4.29 -12.37
C ALA A 490 -23.25 5.78 -12.49
N TYR A 491 -24.39 6.11 -13.10
CA TYR A 491 -24.73 7.49 -13.43
C TYR A 491 -26.11 7.88 -12.94
N ARG A 492 -26.21 9.10 -12.42
CA ARG A 492 -27.48 9.78 -12.18
C ARG A 492 -27.44 11.14 -12.87
N ARG A 493 -28.59 11.79 -12.95
CA ARG A 493 -28.66 13.18 -13.42
C ARG A 493 -29.22 14.07 -12.32
N CYS A 494 -28.55 15.20 -12.11
CA CYS A 494 -29.04 16.19 -11.15
C CYS A 494 -29.72 17.34 -11.88
N ASP A 495 -30.92 17.71 -11.41
CA ASP A 495 -31.68 18.82 -12.00
C ASP A 495 -30.95 20.16 -11.89
N ARG A 496 -31.43 21.15 -12.65
CA ARG A 496 -31.00 22.53 -12.47
C ARG A 496 -31.52 23.03 -11.08
N ASN A 497 -32.69 22.32 -10.71
CA ASN A 497 -33.40 22.65 -9.48
C ASN A 497 -32.87 21.96 -8.23
N GLY A 498 -31.85 21.11 -8.40
CA GLY A 498 -31.20 20.43 -7.28
C GLY A 498 -31.95 19.21 -6.77
N SER A 499 -32.76 18.61 -7.64
CA SER A 499 -33.43 17.34 -7.35
C SER A 499 -32.94 16.28 -8.32
N TRP A 500 -32.80 15.04 -7.85
CA TRP A 500 -32.39 13.94 -8.71
C TRP A 500 -33.43 13.73 -9.80
N GLU A 501 -32.95 13.58 -11.03
CA GLU A 501 -33.81 13.44 -12.20
C GLU A 501 -34.67 12.17 -12.15
N LEU A 502 -35.96 12.36 -12.41
CA LEU A 502 -36.95 11.29 -12.39
C LEU A 502 -37.09 10.57 -13.76
N VAL A 503 -37.85 9.41 -13.75
CA VAL A 503 -38.18 8.73 -15.02
C VAL A 503 -39.55 9.25 -15.55
N PRO A 504 -39.55 9.80 -16.80
CA PRO A 504 -40.79 10.32 -17.39
C PRO A 504 -41.99 9.41 -17.14
N GLY A 505 -43.10 10.06 -16.43
CA GLY A 505 -44.32 9.33 -16.10
C GLY A 505 -44.14 8.25 -15.02
N HIS A 506 -43.15 8.47 -14.14
CA HIS A 506 -42.92 7.57 -13.00
C HIS A 506 -42.41 8.33 -11.78
N ASN A 507 -42.55 7.68 -10.60
CA ASN A 507 -41.98 8.20 -9.36
C ASN A 507 -40.53 7.72 -9.22
N ARG A 508 -40.10 6.89 -10.16
CA ARG A 508 -38.74 6.33 -10.19
C ARG A 508 -37.66 7.40 -10.35
N THR A 509 -36.53 7.20 -9.65
CA THR A 509 -35.36 8.02 -9.89
C THR A 509 -34.55 7.36 -11.02
N TRP A 510 -34.16 8.23 -12.03
CA TRP A 510 -33.28 7.71 -13.09
C TRP A 510 -31.89 7.36 -12.55
N ALA A 511 -31.41 6.17 -12.91
CA ALA A 511 -30.00 5.79 -12.72
C ALA A 511 -29.58 4.82 -13.84
N ASN A 512 -28.31 4.85 -14.19
CA ASN A 512 -27.77 3.96 -15.21
C ASN A 512 -26.58 3.17 -14.65
N TYR A 513 -26.80 1.87 -14.43
CA TYR A 513 -25.78 0.97 -13.89
C TYR A 513 -25.25 0.00 -14.94
N SER A 514 -25.44 0.32 -16.22
CA SER A 514 -25.11 -0.60 -17.31
C SER A 514 -23.62 -0.99 -17.33
N GLU A 515 -22.76 -0.03 -17.02
CA GLU A 515 -21.32 -0.30 -16.93
C GLU A 515 -20.97 -1.25 -15.78
N CYS A 516 -21.65 -1.10 -14.64
CA CYS A 516 -21.42 -1.95 -13.48
C CYS A 516 -21.76 -3.41 -13.74
N VAL A 517 -22.81 -3.64 -14.54
CA VAL A 517 -23.34 -4.98 -14.79
C VAL A 517 -22.68 -5.66 -15.99
N LYS A 518 -21.57 -5.10 -16.46
CA LYS A 518 -20.87 -5.59 -17.66
C LYS A 518 -20.60 -7.11 -17.63
N PHE A 519 -20.24 -7.62 -16.46
CA PHE A 519 -19.88 -9.04 -16.31
C PHE A 519 -21.07 -10.00 -16.18
N LEU A 520 -22.22 -9.48 -15.79
CA LEU A 520 -23.37 -10.34 -15.51
C LEU A 520 -23.97 -10.96 -16.78
N GLU B 6 -20.40 28.98 -11.61
CA GLU B 6 -20.89 28.60 -12.98
C GLU B 6 -20.18 29.41 -14.06
N GLY B 7 -19.06 28.88 -14.55
CA GLY B 7 -18.18 29.63 -15.45
C GLY B 7 -17.20 30.52 -14.68
N LYS B 8 -17.15 30.33 -13.36
CA LYS B 8 -16.24 31.06 -12.47
C LYS B 8 -15.71 30.12 -11.40
N LEU B 9 -14.50 30.37 -10.91
CA LEU B 9 -13.91 29.54 -9.87
C LEU B 9 -13.80 30.28 -8.54
N VAL B 10 -14.24 29.63 -7.47
CA VAL B 10 -13.96 30.10 -6.12
C VAL B 10 -13.02 29.08 -5.46
N ILE B 11 -11.97 29.59 -4.81
CA ILE B 11 -11.00 28.76 -4.09
C ILE B 11 -10.95 29.18 -2.61
N TRP B 12 -10.85 28.20 -1.73
CA TRP B 12 -10.62 28.47 -0.32
C TRP B 12 -9.28 27.92 0.08
N ILE B 13 -8.46 28.74 0.72
CA ILE B 13 -7.17 28.29 1.24
C ILE B 13 -6.95 28.97 2.60
N ASN B 14 -6.23 28.31 3.50
CA ASN B 14 -6.00 28.88 4.84
C ASN B 14 -5.25 30.22 4.81
N GLY B 15 -5.64 31.12 5.71
CA GLY B 15 -5.07 32.47 5.73
C GLY B 15 -3.59 32.56 6.12
N ASP B 16 -3.01 31.43 6.54
CA ASP B 16 -1.58 31.34 6.81
C ASP B 16 -0.77 30.94 5.57
N LYS B 17 -1.48 30.54 4.52
CA LYS B 17 -0.86 30.11 3.24
C LYS B 17 -0.77 31.27 2.25
N GLY B 18 0.02 31.08 1.20
CA GLY B 18 0.25 32.11 0.19
C GLY B 18 -0.91 32.35 -0.76
N TYR B 19 -2.05 32.79 -0.23
CA TYR B 19 -3.26 33.03 -1.05
C TYR B 19 -3.12 34.14 -2.07
N ASN B 20 -2.34 35.18 -1.75
CA ASN B 20 -2.05 36.25 -2.71
C ASN B 20 -1.28 35.69 -3.91
N GLY B 21 -0.31 34.82 -3.63
CA GLY B 21 0.39 34.08 -4.67
C GLY B 21 -0.55 33.22 -5.50
N LEU B 22 -1.46 32.52 -4.82
CA LEU B 22 -2.45 31.68 -5.50
C LEU B 22 -3.37 32.49 -6.41
N ALA B 23 -3.72 33.70 -5.96
CA ALA B 23 -4.50 34.66 -6.76
C ALA B 23 -3.75 35.11 -8.02
N GLU B 24 -2.42 35.12 -7.94
CA GLU B 24 -1.52 35.45 -9.04
C GLU B 24 -1.63 34.41 -10.16
N VAL B 25 -1.90 33.16 -9.77
CA VAL B 25 -2.06 32.05 -10.72
C VAL B 25 -3.49 32.05 -11.26
N GLY B 26 -4.41 32.50 -10.42
CA GLY B 26 -5.80 32.67 -10.83
C GLY B 26 -5.93 33.72 -11.93
N LYS B 27 -4.98 34.66 -11.94
CA LYS B 27 -4.94 35.72 -12.95
C LYS B 27 -4.36 35.27 -14.29
N LYS B 28 -3.32 34.42 -14.25
CA LYS B 28 -2.75 33.84 -15.49
C LYS B 28 -3.79 32.95 -16.15
N PHE B 29 -4.52 32.21 -15.33
CA PHE B 29 -5.64 31.38 -15.77
C PHE B 29 -6.73 32.25 -16.43
N GLU B 30 -7.05 33.38 -15.80
CA GLU B 30 -8.03 34.34 -16.32
C GLU B 30 -7.55 34.95 -17.64
N LYS B 31 -6.24 35.18 -17.74
CA LYS B 31 -5.61 35.69 -18.96
C LYS B 31 -5.73 34.73 -20.16
N ASP B 32 -5.91 33.45 -19.88
CA ASP B 32 -5.95 32.43 -20.93
C ASP B 32 -7.35 31.89 -21.20
N THR B 33 -8.23 31.99 -20.20
CA THR B 33 -9.56 31.37 -20.28
C THR B 33 -10.71 32.36 -20.26
N GLY B 34 -10.49 33.53 -19.65
CA GLY B 34 -11.58 34.47 -19.36
C GLY B 34 -12.31 34.15 -18.07
N ILE B 35 -12.05 32.96 -17.52
CA ILE B 35 -12.67 32.51 -16.27
C ILE B 35 -12.00 33.22 -15.09
N LYS B 36 -12.82 33.86 -14.24
CA LYS B 36 -12.24 34.56 -13.09
C LYS B 36 -12.02 33.59 -11.93
N VAL B 37 -10.93 33.81 -11.20
CA VAL B 37 -10.62 32.99 -10.04
C VAL B 37 -10.59 33.84 -8.78
N THR B 38 -11.55 33.55 -7.88
CA THR B 38 -11.63 34.24 -6.60
C THR B 38 -11.05 33.37 -5.49
N VAL B 39 -9.95 33.82 -4.90
CA VAL B 39 -9.37 33.16 -3.74
C VAL B 39 -9.92 33.79 -2.46
N GLU B 40 -10.32 32.96 -1.51
CA GLU B 40 -10.77 33.45 -0.22
C GLU B 40 -10.08 32.64 0.86
N HIS B 41 -9.98 33.22 2.06
CA HIS B 41 -9.39 32.50 3.17
C HIS B 41 -10.29 32.58 4.40
N PRO B 42 -11.45 31.89 4.35
CA PRO B 42 -12.42 32.01 5.43
C PRO B 42 -11.90 31.43 6.75
N ASP B 43 -12.43 31.90 7.86
CA ASP B 43 -12.07 31.38 9.17
C ASP B 43 -12.67 29.98 9.31
N LYS B 44 -11.92 29.06 9.91
CA LYS B 44 -12.38 27.70 10.17
C LYS B 44 -12.89 27.01 8.89
N LEU B 45 -12.18 27.21 7.78
CA LEU B 45 -12.70 26.78 6.49
C LEU B 45 -12.81 25.24 6.43
N GLU B 46 -11.95 24.56 7.19
CA GLU B 46 -11.98 23.10 7.25
C GLU B 46 -13.27 22.58 7.91
N GLU B 47 -13.86 23.39 8.78
CA GLU B 47 -15.12 23.03 9.45
C GLU B 47 -16.30 23.60 8.68
N LYS B 48 -16.10 24.74 8.03
CA LYS B 48 -17.14 25.37 7.23
C LYS B 48 -17.58 24.51 6.05
N PHE B 49 -16.61 23.92 5.35
CA PHE B 49 -16.87 23.15 4.13
C PHE B 49 -17.95 22.05 4.29
N PRO B 50 -17.82 21.16 5.29
CA PRO B 50 -18.84 20.12 5.52
C PRO B 50 -20.22 20.65 5.93
N GLN B 51 -20.27 21.79 6.62
CA GLN B 51 -21.54 22.43 7.01
C GLN B 51 -22.21 23.12 5.82
N VAL B 52 -21.36 23.61 4.92
CA VAL B 52 -21.77 24.57 3.88
C VAL B 52 -21.95 23.98 2.48
N ALA B 53 -21.19 22.94 2.14
CA ALA B 53 -21.20 22.36 0.79
C ALA B 53 -22.57 21.87 0.32
N ALA B 54 -23.31 21.22 1.21
CA ALA B 54 -24.61 20.65 0.86
C ALA B 54 -25.68 21.71 0.59
N THR B 55 -25.48 22.91 1.14
CA THR B 55 -26.43 24.01 0.93
C THR B 55 -26.27 24.64 -0.45
N GLY B 56 -25.12 24.41 -1.08
CA GLY B 56 -24.81 25.01 -2.37
C GLY B 56 -23.84 26.17 -2.22
N ASP B 57 -23.52 26.48 -0.96
CA ASP B 57 -22.47 27.44 -0.63
C ASP B 57 -21.15 26.69 -0.61
N GLY B 58 -20.03 27.41 -0.56
CA GLY B 58 -18.74 26.72 -0.55
C GLY B 58 -18.06 26.68 -1.90
N PRO B 59 -16.73 26.53 -1.90
CA PRO B 59 -15.92 26.85 -3.06
C PRO B 59 -15.97 25.76 -4.12
N ASP B 60 -15.36 26.03 -5.27
CA ASP B 60 -15.15 25.02 -6.28
C ASP B 60 -13.94 24.18 -5.91
N ILE B 61 -12.98 24.81 -5.23
CA ILE B 61 -11.76 24.14 -4.82
C ILE B 61 -11.44 24.47 -3.36
N ILE B 62 -11.19 23.42 -2.58
CA ILE B 62 -10.81 23.54 -1.17
C ILE B 62 -9.36 23.09 -0.96
N PHE B 63 -8.54 23.96 -0.39
CA PHE B 63 -7.18 23.57 0.03
C PHE B 63 -7.13 23.31 1.52
N TRP B 64 -6.58 22.16 1.89
CA TRP B 64 -6.26 21.87 3.30
C TRP B 64 -5.26 20.73 3.35
N ALA B 65 -4.62 20.52 4.48
CA ALA B 65 -3.76 19.35 4.60
C ALA B 65 -4.60 18.09 4.33
N HIS B 66 -3.95 17.03 3.85
CA HIS B 66 -4.64 15.79 3.41
C HIS B 66 -5.50 15.11 4.49
N ASP B 67 -5.15 15.27 5.78
CA ASP B 67 -5.87 14.59 6.86
C ASP B 67 -7.39 14.83 6.88
N ARG B 68 -7.87 16.00 6.45
CA ARG B 68 -9.31 16.30 6.46
C ARG B 68 -10.09 15.65 5.30
N PHE B 69 -9.38 15.21 4.27
CA PHE B 69 -10.04 14.82 3.01
C PHE B 69 -10.77 13.46 2.99
N GLY B 70 -10.35 12.54 3.86
CA GLY B 70 -11.05 11.27 3.99
C GLY B 70 -12.45 11.48 4.55
N GLY B 71 -12.57 12.42 5.48
CA GLY B 71 -13.85 12.86 6.02
C GLY B 71 -14.73 13.46 4.95
N TYR B 72 -14.16 14.35 4.13
CA TYR B 72 -14.92 14.98 3.05
C TYR B 72 -15.40 13.95 2.02
N ALA B 73 -14.52 12.98 1.71
CA ALA B 73 -14.87 11.91 0.76
C ALA B 73 -15.98 11.00 1.30
N GLN B 74 -15.86 10.60 2.57
CA GLN B 74 -16.87 9.75 3.19
C GLN B 74 -18.24 10.43 3.27
N SER B 75 -18.23 11.76 3.43
CA SER B 75 -19.46 12.57 3.42
C SER B 75 -19.97 12.87 2.01
N GLY B 76 -19.23 12.47 0.99
CA GLY B 76 -19.66 12.64 -0.40
C GLY B 76 -19.58 14.08 -0.86
N LEU B 77 -18.54 14.78 -0.43
CA LEU B 77 -18.39 16.20 -0.68
C LEU B 77 -17.36 16.52 -1.78
N LEU B 78 -16.65 15.50 -2.26
CA LEU B 78 -15.59 15.73 -3.24
C LEU B 78 -15.87 15.11 -4.60
N ALA B 79 -15.46 15.81 -5.65
CA ALA B 79 -15.53 15.29 -7.00
C ALA B 79 -14.42 14.27 -7.17
N GLU B 80 -14.64 13.30 -8.04
CA GLU B 80 -13.58 12.35 -8.33
C GLU B 80 -12.54 13.04 -9.21
N ILE B 81 -11.27 12.82 -8.90
CA ILE B 81 -10.22 13.39 -9.73
C ILE B 81 -9.66 12.29 -10.64
N THR B 82 -9.35 12.67 -11.86
CA THR B 82 -9.05 11.72 -12.93
C THR B 82 -7.71 12.03 -13.61
N PRO B 83 -6.63 12.22 -12.82
CA PRO B 83 -5.39 12.55 -13.52
C PRO B 83 -4.84 11.31 -14.23
N ASP B 84 -4.33 11.49 -15.45
CA ASP B 84 -3.79 10.35 -16.19
C ASP B 84 -2.43 9.93 -15.65
N LYS B 85 -1.90 8.84 -16.23
CA LYS B 85 -0.64 8.24 -15.81
C LYS B 85 0.55 9.21 -15.96
N ALA B 86 0.60 9.90 -17.09
CA ALA B 86 1.66 10.87 -17.37
C ALA B 86 1.69 12.03 -16.35
N PHE B 87 0.51 12.48 -15.91
CA PHE B 87 0.41 13.51 -14.88
C PHE B 87 0.82 12.98 -13.49
N GLN B 88 0.38 11.76 -13.18
CA GLN B 88 0.71 11.13 -11.88
C GLN B 88 2.21 10.90 -11.74
N ASP B 89 2.86 10.58 -12.86
CA ASP B 89 4.31 10.42 -12.92
C ASP B 89 5.10 11.69 -12.58
N LYS B 90 4.46 12.85 -12.67
CA LYS B 90 5.13 14.13 -12.37
C LYS B 90 5.19 14.48 -10.89
N LEU B 91 4.44 13.76 -10.05
CA LEU B 91 4.44 13.99 -8.60
C LEU B 91 5.00 12.78 -7.85
N TYR B 92 5.61 13.01 -6.69
CA TYR B 92 6.16 11.92 -5.86
C TYR B 92 5.06 10.95 -5.43
N PRO B 93 5.31 9.64 -5.62
CA PRO B 93 4.31 8.62 -5.26
C PRO B 93 3.75 8.74 -3.84
N PHE B 94 4.58 9.14 -2.88
CA PHE B 94 4.08 9.20 -1.49
C PHE B 94 3.11 10.35 -1.27
N THR B 95 3.23 11.41 -2.06
CA THR B 95 2.25 12.49 -2.01
C THR B 95 0.90 12.01 -2.57
N TRP B 96 0.92 11.13 -3.58
CA TRP B 96 -0.32 10.53 -4.08
C TRP B 96 -0.94 9.61 -3.04
N ASP B 97 -0.10 8.87 -2.35
CA ASP B 97 -0.55 8.01 -1.24
C ASP B 97 -1.34 8.80 -0.19
N ALA B 98 -0.92 10.03 0.08
CA ALA B 98 -1.56 10.89 1.08
C ALA B 98 -2.99 11.24 0.72
N VAL B 99 -3.27 11.32 -0.56
CA VAL B 99 -4.59 11.74 -1.05
C VAL B 99 -5.37 10.57 -1.62
N ARG B 100 -4.92 9.36 -1.29
CA ARG B 100 -5.58 8.13 -1.70
C ARG B 100 -6.48 7.67 -0.55
N TYR B 101 -7.76 7.51 -0.85
CA TYR B 101 -8.73 7.08 0.15
C TYR B 101 -9.58 5.92 -0.39
N ASN B 102 -9.48 4.79 0.30
CA ASN B 102 -10.11 3.52 -0.13
C ASN B 102 -9.77 3.15 -1.58
N GLY B 103 -8.49 3.25 -1.92
CA GLY B 103 -8.01 2.97 -3.27
C GLY B 103 -8.20 4.07 -4.30
N LYS B 104 -8.94 5.12 -3.94
CA LYS B 104 -9.27 6.20 -4.89
C LYS B 104 -8.46 7.47 -4.62
N LEU B 105 -7.99 8.11 -5.67
CA LEU B 105 -7.42 9.46 -5.54
C LEU B 105 -8.56 10.47 -5.35
N ILE B 106 -8.51 11.23 -4.26
CA ILE B 106 -9.60 12.11 -3.86
C ILE B 106 -9.20 13.61 -3.83
N ALA B 107 -7.96 13.89 -4.18
CA ALA B 107 -7.43 15.24 -4.17
C ALA B 107 -6.09 15.26 -4.89
N TYR B 108 -5.63 16.44 -5.27
CA TYR B 108 -4.29 16.63 -5.81
C TYR B 108 -3.32 17.04 -4.70
N PRO B 109 -2.18 16.34 -4.59
CA PRO B 109 -1.19 16.72 -3.60
C PRO B 109 -0.45 17.96 -4.10
N ILE B 110 -0.11 18.85 -3.18
CA ILE B 110 0.54 20.11 -3.55
C ILE B 110 1.94 20.17 -2.95
N ALA B 111 2.04 19.94 -1.64
CA ALA B 111 3.29 20.10 -0.93
C ALA B 111 3.30 19.42 0.43
N VAL B 112 4.49 19.05 0.87
CA VAL B 112 4.69 18.36 2.14
C VAL B 112 5.16 19.33 3.21
N GLU B 113 4.38 19.43 4.29
CA GLU B 113 4.69 20.32 5.42
C GLU B 113 5.04 19.54 6.69
N ALA B 114 6.07 20.01 7.39
CA ALA B 114 6.35 19.51 8.74
C ALA B 114 6.79 20.69 9.57
N LEU B 115 6.48 20.67 10.86
CA LEU B 115 6.99 21.65 11.80
C LEU B 115 8.48 21.47 12.03
N SER B 116 9.16 22.60 12.20
CA SER B 116 10.58 22.61 12.54
C SER B 116 10.82 23.59 13.69
N LEU B 117 12.00 23.48 14.28
CA LEU B 117 12.43 24.43 15.30
C LEU B 117 13.01 25.65 14.59
N ILE B 118 12.42 26.82 14.86
CA ILE B 118 12.92 28.06 14.28
C ILE B 118 13.58 28.84 15.42
N TYR B 119 14.84 29.23 15.20
CA TYR B 119 15.61 29.94 16.22
C TYR B 119 16.26 31.22 15.74
N ASN B 120 16.51 32.12 16.68
CA ASN B 120 17.15 33.39 16.41
C ASN B 120 18.66 33.22 16.66
N LYS B 121 19.44 33.25 15.58
CA LYS B 121 20.89 33.02 15.62
C LYS B 121 21.67 34.03 16.48
N ASP B 122 21.20 35.27 16.50
CA ASP B 122 21.82 36.33 17.30
C ASP B 122 21.62 36.09 18.79
N LEU B 123 20.50 35.46 19.15
CA LEU B 123 20.16 35.19 20.54
C LEU B 123 20.68 33.85 21.01
N LEU B 124 20.84 32.93 20.07
CA LEU B 124 21.09 31.54 20.38
C LEU B 124 21.84 30.88 19.23
N PRO B 125 23.16 31.11 19.14
CA PRO B 125 23.97 30.55 18.06
C PRO B 125 23.85 29.03 17.92
N ASN B 126 23.78 28.32 19.04
CA ASN B 126 23.57 26.87 19.02
C ASN B 126 22.26 26.46 19.70
N PRO B 127 21.23 26.12 18.89
CA PRO B 127 19.94 25.73 19.43
C PRO B 127 20.06 24.48 20.31
N PRO B 128 19.18 24.34 21.33
CA PRO B 128 19.21 23.15 22.19
C PRO B 128 18.85 21.90 21.41
N LYS B 129 19.50 20.79 21.72
CA LYS B 129 19.19 19.50 21.10
C LYS B 129 18.09 18.74 21.83
N THR B 130 17.79 19.16 23.06
CA THR B 130 16.81 18.48 23.89
C THR B 130 15.77 19.46 24.45
N TRP B 131 14.54 18.98 24.59
CA TRP B 131 13.49 19.73 25.28
C TRP B 131 13.94 20.01 26.70
N GLU B 132 14.61 19.04 27.31
CA GLU B 132 15.00 19.10 28.72
C GLU B 132 15.91 20.28 29.08
N GLU B 133 16.62 20.83 28.11
CA GLU B 133 17.51 21.96 28.40
C GLU B 133 16.85 23.35 28.24
N ILE B 134 15.61 23.38 27.75
CA ILE B 134 14.92 24.67 27.53
C ILE B 134 14.63 25.51 28.80
N PRO B 135 14.21 24.87 29.92
CA PRO B 135 14.08 25.61 31.18
C PRO B 135 15.32 26.42 31.61
N ALA B 136 16.50 25.81 31.53
CA ALA B 136 17.74 26.48 31.92
C ALA B 136 18.05 27.61 30.95
N LEU B 137 17.66 27.38 29.69
CA LEU B 137 17.86 28.35 28.62
C LEU B 137 16.94 29.55 28.78
N ASP B 138 15.68 29.30 29.14
CA ASP B 138 14.75 30.38 29.45
C ASP B 138 15.21 31.20 30.65
N LYS B 139 15.77 30.54 31.66
CA LYS B 139 16.29 31.21 32.86
C LYS B 139 17.38 32.22 32.49
N GLU B 140 18.33 31.78 31.67
CA GLU B 140 19.39 32.64 31.15
C GLU B 140 18.84 33.84 30.39
N LEU B 141 17.92 33.58 29.46
CA LEU B 141 17.40 34.60 28.57
C LEU B 141 16.48 35.60 29.25
N LYS B 142 15.70 35.14 30.23
CA LYS B 142 14.88 36.00 31.09
C LYS B 142 15.73 37.12 31.71
N ALA B 143 16.96 36.78 32.07
CA ALA B 143 17.90 37.75 32.65
C ALA B 143 18.31 38.83 31.65
N LYS B 144 18.14 38.54 30.37
CA LYS B 144 18.39 39.50 29.29
C LYS B 144 17.08 40.11 28.78
N GLY B 145 15.99 39.86 29.49
CA GLY B 145 14.68 40.39 29.11
C GLY B 145 14.09 39.74 27.87
N LYS B 146 14.48 38.48 27.62
CA LYS B 146 13.99 37.69 26.48
C LYS B 146 13.42 36.36 26.99
N SER B 147 12.84 35.57 26.10
CA SER B 147 12.36 34.24 26.47
C SER B 147 12.97 33.13 25.58
N ALA B 148 12.94 31.89 26.08
CA ALA B 148 13.52 30.77 25.32
C ALA B 148 12.71 30.39 24.09
N LEU B 149 11.41 30.15 24.29
CA LEU B 149 10.57 29.55 23.27
C LEU B 149 9.10 29.99 23.39
N MET B 150 8.50 30.32 22.25
CA MET B 150 7.06 30.59 22.19
C MET B 150 6.49 29.94 20.95
N PHE B 151 5.36 29.23 21.13
CA PHE B 151 4.66 28.68 20.00
C PHE B 151 3.18 28.49 20.30
N ASN B 152 2.39 28.30 19.25
CA ASN B 152 0.94 28.16 19.34
C ASN B 152 0.50 26.97 20.22
N LEU B 153 -0.11 27.28 21.35
CA LEU B 153 -0.57 26.27 22.31
C LEU B 153 -2.06 26.00 22.18
N GLN B 154 -2.71 26.71 21.26
CA GLN B 154 -4.16 26.55 21.05
C GLN B 154 -4.51 25.44 20.04
N GLU B 155 -3.55 25.10 19.19
CA GLU B 155 -3.78 24.07 18.19
C GLU B 155 -2.88 22.87 18.44
N PRO B 156 -3.49 21.69 18.64
CA PRO B 156 -2.70 20.55 19.06
C PRO B 156 -1.65 20.13 18.00
N TYR B 157 -1.80 20.60 16.77
CA TYR B 157 -0.79 20.35 15.73
C TYR B 157 0.62 20.70 16.17
N PHE B 158 0.75 21.79 16.91
CA PHE B 158 2.06 22.29 17.33
C PHE B 158 2.61 21.61 18.59
N THR B 159 1.71 21.06 19.42
CA THR B 159 2.14 20.38 20.65
C THR B 159 2.37 18.90 20.40
N TRP B 160 1.71 18.38 19.36
CA TRP B 160 1.79 16.96 19.01
C TRP B 160 3.19 16.35 18.88
N PRO B 161 4.16 17.07 18.27
CA PRO B 161 5.47 16.43 18.12
C PRO B 161 6.09 16.04 19.47
N LEU B 162 5.79 16.82 20.51
CA LEU B 162 6.27 16.53 21.86
C LEU B 162 5.48 15.41 22.51
N ILE B 163 4.16 15.43 22.32
CA ILE B 163 3.32 14.36 22.85
C ILE B 163 3.73 13.02 22.21
N ALA B 164 4.08 13.05 20.93
CA ALA B 164 4.40 11.81 20.19
C ALA B 164 5.80 11.28 20.49
N ALA B 165 6.69 12.16 20.94
CA ALA B 165 8.10 11.81 21.11
C ALA B 165 8.34 10.51 21.91
N ASP B 166 7.75 10.42 23.11
CA ASP B 166 8.01 9.28 23.99
C ASP B 166 6.93 8.19 23.87
N GLY B 167 6.02 8.32 22.90
CA GLY B 167 5.10 7.22 22.64
C GLY B 167 3.65 7.50 22.31
N GLY B 168 3.25 8.77 22.34
CA GLY B 168 1.91 9.13 21.87
C GLY B 168 1.72 8.80 20.39
N TYR B 169 0.53 8.32 20.02
CA TYR B 169 0.16 8.17 18.61
C TYR B 169 -1.33 8.43 18.42
N ALA B 170 -1.74 8.73 17.20
CA ALA B 170 -3.15 8.92 16.94
C ALA B 170 -3.79 7.54 16.84
N PHE B 171 -3.59 6.88 15.69
CA PHE B 171 -4.08 5.53 15.44
C PHE B 171 -2.92 4.63 15.05
N LYS B 172 -2.85 3.45 15.67
CA LYS B 172 -1.80 2.49 15.32
C LYS B 172 -2.08 1.92 13.93
N TYR B 173 -1.03 1.69 13.17
CA TYR B 173 -1.17 1.09 11.86
C TYR B 173 -0.79 -0.39 11.93
N GLU B 174 -1.79 -1.25 11.70
CA GLU B 174 -1.60 -2.70 11.76
C GLU B 174 -2.42 -3.35 10.65
N ASN B 175 -1.93 -4.50 10.18
CA ASN B 175 -2.61 -5.28 9.16
C ASN B 175 -3.02 -4.47 7.94
N GLY B 176 -2.13 -3.56 7.54
CA GLY B 176 -2.35 -2.77 6.33
C GLY B 176 -3.41 -1.69 6.44
N LYS B 177 -3.69 -1.22 7.66
CA LYS B 177 -4.61 -0.09 7.84
C LYS B 177 -4.55 0.52 9.25
N TYR B 178 -5.12 1.71 9.38
CA TYR B 178 -5.26 2.36 10.69
C TYR B 178 -6.31 1.69 11.57
N ASP B 179 -5.89 1.27 12.77
CA ASP B 179 -6.75 0.55 13.71
C ASP B 179 -7.46 1.57 14.62
N ILE B 180 -8.75 1.82 14.36
CA ILE B 180 -9.46 2.85 15.11
C ILE B 180 -9.72 2.47 16.58
N LYS B 181 -9.53 1.20 16.91
CA LYS B 181 -9.61 0.76 18.31
C LYS B 181 -8.36 1.21 19.08
N ASP B 182 -7.25 1.36 18.37
CA ASP B 182 -5.95 1.53 19.01
C ASP B 182 -5.54 2.97 18.95
N VAL B 183 -6.03 3.74 19.92
CA VAL B 183 -5.77 5.17 20.01
C VAL B 183 -4.70 5.39 21.09
N GLY B 184 -3.66 6.15 20.77
CA GLY B 184 -2.54 6.30 21.70
C GLY B 184 -2.40 7.68 22.31
N VAL B 185 -3.50 8.29 22.72
CA VAL B 185 -3.43 9.65 23.28
C VAL B 185 -3.30 9.67 24.81
N ASP B 186 -3.64 8.58 25.48
CA ASP B 186 -3.53 8.57 26.94
C ASP B 186 -2.54 7.55 27.51
N ASN B 187 -1.56 7.15 26.70
CA ASN B 187 -0.54 6.21 27.15
C ASN B 187 0.56 6.98 27.88
N ALA B 188 1.45 6.26 28.55
CA ALA B 188 2.54 6.84 29.35
C ALA B 188 3.37 7.85 28.57
N GLY B 189 3.63 7.55 27.29
CA GLY B 189 4.41 8.42 26.42
C GLY B 189 3.74 9.77 26.15
N ALA B 190 2.44 9.74 25.87
CA ALA B 190 1.68 10.98 25.61
C ALA B 190 1.66 11.83 26.89
N LYS B 191 1.41 11.18 28.01
CA LYS B 191 1.42 11.82 29.33
C LYS B 191 2.76 12.47 29.67
N ALA B 192 3.87 11.79 29.38
CA ALA B 192 5.23 12.34 29.67
C ALA B 192 5.45 13.64 28.91
N GLY B 193 5.12 13.60 27.63
CA GLY B 193 5.24 14.76 26.73
C GLY B 193 4.37 15.93 27.16
N LEU B 194 3.10 15.66 27.44
CA LEU B 194 2.17 16.74 27.83
C LEU B 194 2.52 17.29 29.22
N THR B 195 2.89 16.38 30.14
CA THR B 195 3.41 16.79 31.46
C THR B 195 4.58 17.75 31.33
N PHE B 196 5.49 17.45 30.40
CA PHE B 196 6.64 18.35 30.18
C PHE B 196 6.21 19.75 29.75
N LEU B 197 5.25 19.83 28.81
CA LEU B 197 4.68 21.10 28.36
C LEU B 197 4.01 21.88 29.49
N VAL B 198 3.11 21.20 30.21
CA VAL B 198 2.40 21.78 31.33
C VAL B 198 3.41 22.29 32.40
N ASP B 199 4.50 21.56 32.60
CA ASP B 199 5.53 22.02 33.54
C ASP B 199 6.24 23.27 33.04
N LEU B 200 6.42 23.41 31.73
CA LEU B 200 6.96 24.67 31.18
C LEU B 200 6.02 25.84 31.50
N ILE B 201 4.71 25.57 31.46
CA ILE B 201 3.71 26.59 31.79
C ILE B 201 3.63 26.87 33.30
N LYS B 202 3.74 25.84 34.13
CA LYS B 202 3.77 26.03 35.57
C LYS B 202 5.00 26.84 36.01
N ASN B 203 6.13 26.57 35.38
CA ASN B 203 7.39 27.23 35.74
C ASN B 203 7.59 28.54 34.98
N LYS B 204 6.51 29.00 34.34
CA LYS B 204 6.44 30.30 33.64
C LYS B 204 7.47 30.49 32.53
N HIS B 205 7.85 29.38 31.90
CA HIS B 205 8.67 29.44 30.70
C HIS B 205 7.78 29.59 29.44
N MET B 206 6.48 29.35 29.62
CA MET B 206 5.47 29.54 28.58
C MET B 206 4.17 29.98 29.22
N ASN B 207 3.30 30.58 28.41
CA ASN B 207 1.97 30.99 28.83
C ASN B 207 0.91 30.16 28.12
N ALA B 208 -0.04 29.62 28.87
CA ALA B 208 -1.15 28.85 28.30
C ALA B 208 -1.94 29.63 27.25
N ASP B 209 -1.96 30.96 27.38
CA ASP B 209 -2.75 31.85 26.51
C ASP B 209 -2.17 32.05 25.10
N THR B 210 -0.89 31.70 24.93
CA THR B 210 -0.18 31.92 23.66
C THR B 210 -0.81 31.18 22.48
N ASP B 211 -1.17 31.97 21.46
CA ASP B 211 -1.73 31.45 20.23
C ASP B 211 -0.78 31.72 19.05
N TYR B 212 -1.23 31.45 17.83
CA TYR B 212 -0.36 31.59 16.66
C TYR B 212 0.20 33.00 16.50
N SER B 213 -0.68 34.00 16.56
CA SER B 213 -0.26 35.38 16.34
C SER B 213 0.66 35.89 17.45
N ILE B 214 0.40 35.48 18.70
CA ILE B 214 1.20 35.96 19.84
C ILE B 214 2.63 35.44 19.69
N ALA B 215 2.76 34.16 19.38
CA ALA B 215 4.06 33.51 19.20
C ALA B 215 4.81 34.09 18.02
N GLU B 216 4.11 34.31 16.91
CA GLU B 216 4.75 34.84 15.70
C GLU B 216 5.22 36.28 15.90
N ALA B 217 4.39 37.11 16.53
CA ALA B 217 4.79 38.49 16.82
C ALA B 217 6.03 38.54 17.73
N ALA B 218 6.03 37.75 18.79
CA ALA B 218 7.17 37.68 19.71
C ALA B 218 8.47 37.26 19.02
N PHE B 219 8.45 36.14 18.30
CA PHE B 219 9.66 35.68 17.60
C PHE B 219 10.15 36.76 16.65
N ASN B 220 9.25 37.23 15.80
CA ASN B 220 9.59 38.16 14.75
C ASN B 220 10.06 39.52 15.27
N LYS B 221 9.65 39.88 16.49
CA LYS B 221 10.10 41.12 17.12
C LYS B 221 11.39 40.92 17.91
N GLY B 222 11.92 39.70 17.91
CA GLY B 222 13.18 39.40 18.59
C GLY B 222 13.04 39.14 20.08
N GLU B 223 11.81 38.85 20.53
CA GLU B 223 11.50 38.77 21.96
C GLU B 223 11.67 37.36 22.55
N THR B 224 11.64 36.36 21.68
CA THR B 224 11.86 34.96 22.07
C THR B 224 12.92 34.31 21.16
N ALA B 225 13.79 33.49 21.73
CA ALA B 225 14.88 32.88 20.98
C ALA B 225 14.43 31.78 20.02
N MET B 226 13.26 31.19 20.29
CA MET B 226 12.79 30.06 19.48
C MET B 226 11.29 30.07 19.26
N THR B 227 10.89 29.48 18.15
CA THR B 227 9.50 29.15 17.91
C THR B 227 9.40 27.81 17.18
N ILE B 228 8.18 27.27 17.13
CA ILE B 228 7.92 26.04 16.37
C ILE B 228 6.87 26.40 15.33
N ASN B 229 7.24 26.22 14.07
CA ASN B 229 6.34 26.60 13.00
C ASN B 229 6.72 25.90 11.68
N GLY B 230 5.83 26.02 10.70
CA GLY B 230 6.04 25.42 9.37
C GLY B 230 6.58 26.41 8.36
N PRO B 231 6.93 25.91 7.16
CA PRO B 231 7.47 26.71 6.06
C PRO B 231 6.67 27.97 5.69
N TRP B 232 5.35 27.94 5.87
CA TRP B 232 4.49 29.10 5.58
C TRP B 232 4.87 30.36 6.38
N ALA B 233 5.50 30.14 7.54
CA ALA B 233 5.83 31.22 8.47
C ALA B 233 7.11 31.99 8.13
N TRP B 234 8.00 31.36 7.35
CA TRP B 234 9.33 31.92 7.04
C TRP B 234 9.25 33.27 6.37
N SER B 235 8.18 33.49 5.61
CA SER B 235 7.96 34.71 4.84
C SER B 235 7.87 35.97 5.73
N ASN B 236 7.06 35.90 6.79
CA ASN B 236 6.98 36.99 7.75
C ASN B 236 8.27 37.15 8.59
N ILE B 237 9.04 36.07 8.76
CA ILE B 237 10.32 36.20 9.44
C ILE B 237 11.37 36.88 8.53
N ASP B 238 11.30 36.64 7.23
CA ASP B 238 12.13 37.36 6.26
C ASP B 238 11.89 38.86 6.30
N THR B 239 10.62 39.24 6.45
CA THR B 239 10.20 40.64 6.50
C THR B 239 10.72 41.34 7.77
N SER B 240 10.85 40.57 8.85
CA SER B 240 11.21 41.13 10.15
C SER B 240 12.70 41.37 10.34
N LYS B 241 13.53 40.77 9.48
CA LYS B 241 15.01 40.90 9.58
C LYS B 241 15.58 40.43 10.93
N VAL B 242 14.96 39.39 11.48
CA VAL B 242 15.54 38.56 12.53
C VAL B 242 16.44 37.58 11.79
N ASN B 243 17.68 37.43 12.24
CA ASN B 243 18.57 36.42 11.67
C ASN B 243 18.17 35.04 12.20
N TYR B 244 17.47 34.27 11.39
CA TYR B 244 16.91 33.00 11.87
C TYR B 244 17.46 31.75 11.18
N GLY B 245 17.52 30.66 11.91
CA GLY B 245 17.83 29.35 11.34
C GLY B 245 16.67 28.41 11.57
N VAL B 246 16.58 27.36 10.76
CA VAL B 246 15.54 26.33 10.89
C VAL B 246 16.24 25.00 11.13
N THR B 247 15.84 24.29 12.17
CA THR B 247 16.57 23.08 12.52
C THR B 247 15.68 21.92 13.01
N VAL B 248 16.32 20.79 13.25
CA VAL B 248 15.61 19.64 13.82
C VAL B 248 15.00 20.02 15.17
N LEU B 249 13.79 19.53 15.42
CA LEU B 249 13.13 19.75 16.69
C LEU B 249 13.95 19.09 17.80
N PRO B 250 13.79 19.56 19.05
CA PRO B 250 14.54 18.95 20.15
C PRO B 250 14.07 17.51 20.41
N THR B 251 14.95 16.68 20.95
CA THR B 251 14.54 15.35 21.40
C THR B 251 13.85 15.46 22.76
N PHE B 252 13.05 14.47 23.09
CA PHE B 252 12.49 14.38 24.43
C PHE B 252 12.71 12.95 24.90
N LYS B 253 13.31 12.82 26.08
CA LYS B 253 13.73 11.52 26.60
C LYS B 253 14.63 10.75 25.60
N GLY B 254 15.56 11.49 24.98
CA GLY B 254 16.49 10.93 23.98
C GLY B 254 15.87 10.60 22.63
N GLN B 255 14.55 10.78 22.50
CA GLN B 255 13.82 10.38 21.28
C GLN B 255 13.40 11.60 20.47
N PRO B 256 13.46 11.50 19.13
CA PRO B 256 13.07 12.64 18.30
C PRO B 256 11.64 13.10 18.55
N SER B 257 11.38 14.40 18.45
CA SER B 257 10.01 14.90 18.31
C SER B 257 9.49 14.36 16.98
N LYS B 258 8.20 14.01 16.95
CA LYS B 258 7.62 13.35 15.78
C LYS B 258 6.48 14.17 15.28
N PRO B 259 6.78 15.17 14.45
CA PRO B 259 5.68 16.01 13.99
C PRO B 259 4.75 15.21 13.07
N PHE B 260 3.47 15.53 13.08
CA PHE B 260 2.55 14.98 12.09
C PHE B 260 2.76 15.68 10.77
N VAL B 261 3.05 14.91 9.74
CA VAL B 261 3.40 15.44 8.44
C VAL B 261 2.12 15.62 7.60
N GLY B 262 1.97 16.81 7.04
CA GLY B 262 0.80 17.12 6.22
C GLY B 262 1.17 17.29 4.77
N VAL B 263 0.27 16.88 3.88
CA VAL B 263 0.42 17.14 2.46
C VAL B 263 -0.72 18.11 2.12
N LEU B 264 -0.35 19.38 1.91
CA LEU B 264 -1.30 20.40 1.49
C LEU B 264 -1.89 19.89 0.18
N SER B 265 -3.22 19.79 0.15
CA SER B 265 -3.91 19.14 -0.95
C SER B 265 -5.07 19.99 -1.42
N ALA B 266 -5.42 19.83 -2.70
CA ALA B 266 -6.54 20.54 -3.32
C ALA B 266 -7.66 19.57 -3.77
N GLY B 267 -8.84 19.73 -3.19
CA GLY B 267 -9.99 18.94 -3.57
C GLY B 267 -11.03 19.76 -4.33
N ILE B 268 -11.79 19.09 -5.18
CA ILE B 268 -12.83 19.76 -5.96
C ILE B 268 -14.18 19.40 -5.33
N ASN B 269 -15.00 20.42 -5.09
CA ASN B 269 -16.32 20.27 -4.49
C ASN B 269 -17.21 19.44 -5.40
N ALA B 270 -17.84 18.41 -4.85
CA ALA B 270 -18.74 17.54 -5.63
C ALA B 270 -19.94 18.32 -6.16
N ALA B 271 -20.19 19.48 -5.56
CA ALA B 271 -21.30 20.33 -5.93
C ALA B 271 -20.92 21.42 -6.93
N SER B 272 -19.63 21.51 -7.25
CA SER B 272 -19.15 22.51 -8.21
C SER B 272 -19.56 22.12 -9.63
N PRO B 273 -20.15 23.08 -10.36
CA PRO B 273 -20.43 22.87 -11.78
C PRO B 273 -19.20 23.14 -12.65
N ASN B 274 -18.07 23.44 -12.01
CA ASN B 274 -16.86 23.83 -12.72
C ASN B 274 -15.77 22.77 -12.62
N LYS B 275 -16.19 21.51 -12.52
CA LYS B 275 -15.27 20.40 -12.28
C LYS B 275 -14.13 20.30 -13.29
N GLU B 276 -14.42 20.57 -14.55
CA GLU B 276 -13.40 20.50 -15.61
C GLU B 276 -12.47 21.71 -15.59
N LEU B 277 -13.03 22.89 -15.35
CA LEU B 277 -12.24 24.11 -15.19
C LEU B 277 -11.30 23.97 -14.00
N ALA B 278 -11.84 23.46 -12.89
CA ALA B 278 -11.07 23.20 -11.68
C ALA B 278 -9.89 22.26 -11.93
N LYS B 279 -10.16 21.21 -12.70
CA LYS B 279 -9.12 20.26 -13.10
C LYS B 279 -8.06 20.93 -13.97
N GLU B 280 -8.49 21.73 -14.94
CA GLU B 280 -7.57 22.47 -15.81
C GLU B 280 -6.67 23.40 -15.00
N PHE B 281 -7.28 24.17 -14.10
CA PHE B 281 -6.53 25.09 -13.24
C PHE B 281 -5.46 24.36 -12.43
N LEU B 282 -5.84 23.29 -11.75
CA LEU B 282 -4.93 22.59 -10.84
C LEU B 282 -3.79 21.88 -11.61
N GLU B 283 -4.15 21.13 -12.65
CA GLU B 283 -3.20 20.33 -13.40
C GLU B 283 -2.29 21.15 -14.30
N ASN B 284 -2.88 22.13 -15.00
CA ASN B 284 -2.19 22.87 -16.05
C ASN B 284 -1.63 24.23 -15.62
N TYR B 285 -2.07 24.72 -14.46
CA TYR B 285 -1.63 26.04 -14.00
C TYR B 285 -0.99 26.02 -12.62
N LEU B 286 -1.65 25.47 -11.61
CA LEU B 286 -1.06 25.46 -10.27
C LEU B 286 0.09 24.47 -10.22
N LEU B 287 -0.16 23.21 -10.56
CA LEU B 287 0.87 22.17 -10.44
C LEU B 287 1.91 22.18 -11.58
N THR B 288 2.53 23.34 -11.77
CA THR B 288 3.67 23.52 -12.66
C THR B 288 4.78 24.23 -11.87
N ASP B 289 5.98 24.28 -12.45
CA ASP B 289 7.10 25.04 -11.87
C ASP B 289 6.71 26.49 -11.60
N GLU B 290 6.05 27.11 -12.57
CA GLU B 290 5.70 28.52 -12.50
C GLU B 290 4.55 28.76 -11.54
N GLY B 291 3.56 27.86 -11.56
CA GLY B 291 2.39 27.96 -10.70
C GLY B 291 2.77 27.87 -9.23
N LEU B 292 3.59 26.88 -8.91
CA LEU B 292 4.03 26.63 -7.53
C LEU B 292 4.97 27.71 -7.02
N GLU B 293 5.80 28.25 -7.91
CA GLU B 293 6.71 29.33 -7.52
C GLU B 293 5.97 30.62 -7.16
N ALA B 294 4.85 30.89 -7.82
CA ALA B 294 4.00 32.05 -7.52
C ALA B 294 3.41 31.99 -6.10
N VAL B 295 2.98 30.80 -5.69
CA VAL B 295 2.46 30.56 -4.35
C VAL B 295 3.60 30.59 -3.33
N ASN B 296 4.71 29.95 -3.72
CA ASN B 296 5.87 29.80 -2.85
C ASN B 296 6.57 31.11 -2.48
N LYS B 297 6.67 32.04 -3.43
CA LYS B 297 7.29 33.34 -3.13
C LYS B 297 6.42 34.20 -2.21
N ASP B 298 5.11 33.92 -2.19
CA ASP B 298 4.23 34.58 -1.24
C ASP B 298 4.46 33.99 0.16
N LYS B 299 4.21 32.68 0.30
CA LYS B 299 4.51 31.97 1.52
C LYS B 299 4.98 30.55 1.17
N PRO B 300 6.18 30.17 1.66
CA PRO B 300 6.76 28.85 1.34
C PRO B 300 5.84 27.66 1.58
N LEU B 301 5.77 26.79 0.57
CA LEU B 301 4.87 25.65 0.57
C LEU B 301 5.42 24.46 1.36
N GLY B 302 6.74 24.42 1.48
CA GLY B 302 7.43 23.27 2.03
C GLY B 302 8.17 22.56 0.92
N ALA B 303 8.12 21.22 0.95
CA ALA B 303 8.67 20.40 -0.10
C ALA B 303 7.53 20.05 -1.03
N VAL B 304 7.54 20.62 -2.23
CA VAL B 304 6.43 20.45 -3.19
C VAL B 304 6.32 19.05 -3.80
N ALA B 305 5.10 18.68 -4.17
CA ALA B 305 4.82 17.36 -4.72
C ALA B 305 5.42 17.19 -6.11
N LEU B 306 5.38 18.26 -6.90
CA LEU B 306 5.94 18.26 -8.26
C LEU B 306 7.45 18.08 -8.24
N LYS B 307 7.89 16.96 -8.81
CA LYS B 307 9.30 16.55 -8.80
C LYS B 307 10.25 17.63 -9.31
N SER B 308 9.97 18.12 -10.52
CA SER B 308 10.81 19.11 -11.18
C SER B 308 11.19 20.31 -10.29
N TYR B 309 10.19 20.92 -9.65
CA TYR B 309 10.41 22.11 -8.82
C TYR B 309 11.02 21.78 -7.45
N GLU B 310 10.71 20.60 -6.92
CA GLU B 310 11.24 20.16 -5.62
C GLU B 310 12.75 19.90 -5.60
N GLU B 311 13.26 19.31 -6.69
CA GLU B 311 14.71 19.08 -6.86
C GLU B 311 15.54 20.34 -6.58
N GLU B 312 15.06 21.49 -7.08
CA GLU B 312 15.74 22.77 -6.86
C GLU B 312 15.54 23.23 -5.42
N LEU B 313 14.31 23.11 -4.96
CA LEU B 313 13.90 23.62 -3.66
C LEU B 313 14.61 22.86 -2.54
N ALA B 314 15.11 21.66 -2.85
CA ALA B 314 15.74 20.78 -1.88
C ALA B 314 17.08 21.31 -1.36
N LYS B 315 17.71 22.18 -2.14
CA LYS B 315 18.99 22.77 -1.74
C LYS B 315 18.83 23.86 -0.66
N ASP B 316 17.58 24.25 -0.38
CA ASP B 316 17.29 25.19 0.70
C ASP B 316 17.47 24.48 2.04
N PRO B 317 18.38 24.98 2.90
CA PRO B 317 18.65 24.37 4.21
C PRO B 317 17.41 24.34 5.08
N ARG B 318 16.50 25.28 4.87
CA ARG B 318 15.25 25.32 5.64
C ARG B 318 14.31 24.18 5.22
N ILE B 319 14.40 23.76 3.95
CA ILE B 319 13.60 22.64 3.44
C ILE B 319 14.24 21.27 3.77
N ALA B 320 15.57 21.23 3.81
CA ALA B 320 16.29 20.06 4.32
C ALA B 320 15.91 19.78 5.78
N ALA B 321 15.86 20.82 6.59
CA ALA B 321 15.39 20.71 7.99
C ALA B 321 13.95 20.18 8.08
N THR B 322 13.08 20.71 7.22
CA THR B 322 11.68 20.29 7.14
C THR B 322 11.57 18.78 6.88
N MET B 323 12.43 18.32 5.97
CA MET B 323 12.45 16.94 5.56
C MET B 323 12.99 16.02 6.64
N GLU B 324 13.98 16.50 7.37
CA GLU B 324 14.55 15.77 8.52
C GLU B 324 13.48 15.63 9.60
N ASN B 325 12.78 16.72 9.90
CA ASN B 325 11.67 16.63 10.82
C ASN B 325 10.54 15.73 10.30
N ALA B 326 10.23 15.83 9.01
CA ALA B 326 9.21 14.97 8.40
C ALA B 326 9.54 13.50 8.51
N GLN B 327 10.81 13.17 8.23
CA GLN B 327 11.29 11.80 8.19
C GLN B 327 11.25 11.19 9.59
N LYS B 328 11.42 12.04 10.59
CA LYS B 328 11.41 11.61 11.97
C LYS B 328 9.98 11.54 12.50
N GLY B 329 9.06 12.23 11.82
CA GLY B 329 7.67 12.21 12.18
C GLY B 329 6.94 11.14 11.41
N GLU B 330 5.62 11.30 11.30
CA GLU B 330 4.84 10.40 10.47
C GLU B 330 3.73 11.09 9.69
N ILE B 331 3.43 10.56 8.51
CA ILE B 331 2.33 11.08 7.71
C ILE B 331 1.03 10.98 8.51
N MET B 332 0.23 12.04 8.49
CA MET B 332 -1.07 11.97 9.17
C MET B 332 -1.94 10.95 8.45
N PRO B 333 -2.79 10.22 9.19
CA PRO B 333 -3.88 9.45 8.55
C PRO B 333 -4.82 10.41 7.87
N ASN B 334 -5.57 9.94 6.86
CA ASN B 334 -6.61 10.76 6.25
C ASN B 334 -8.01 10.21 6.53
N ILE B 335 -8.08 9.19 7.39
CA ILE B 335 -9.35 8.53 7.72
C ILE B 335 -10.37 9.52 8.31
N PRO B 336 -11.68 9.22 8.19
CA PRO B 336 -12.71 10.16 8.67
C PRO B 336 -12.65 10.45 10.16
N GLN B 337 -11.97 9.60 10.91
CA GLN B 337 -11.93 9.68 12.37
C GLN B 337 -10.94 10.72 12.86
N MET B 338 -10.16 11.28 11.92
CA MET B 338 -9.14 12.27 12.27
C MET B 338 -9.67 13.54 12.91
N SER B 339 -10.84 14.02 12.48
CA SER B 339 -11.39 15.25 13.06
C SER B 339 -11.79 15.04 14.52
N ALA B 340 -12.34 13.86 14.83
CA ALA B 340 -12.65 13.50 16.21
C ALA B 340 -11.38 13.36 17.05
N PHE B 341 -10.32 12.79 16.46
CA PHE B 341 -9.01 12.73 17.12
C PHE B 341 -8.52 14.12 17.45
N TRP B 342 -8.55 15.03 16.47
CA TRP B 342 -8.05 16.38 16.66
C TRP B 342 -8.84 17.14 17.72
N TYR B 343 -10.18 17.08 17.64
CA TYR B 343 -11.03 17.74 18.64
C TYR B 343 -10.73 17.24 20.06
N ALA B 344 -10.59 15.92 20.21
CA ALA B 344 -10.31 15.34 21.52
C ALA B 344 -8.98 15.85 22.07
N VAL B 345 -7.96 15.83 21.22
CA VAL B 345 -6.63 16.25 21.63
C VAL B 345 -6.59 17.76 21.90
N ARG B 346 -7.22 18.54 21.02
CA ARG B 346 -7.40 20.00 21.26
C ARG B 346 -7.93 20.27 22.69
N THR B 347 -9.04 19.63 23.05
CA THR B 347 -9.66 19.81 24.37
C THR B 347 -8.69 19.40 25.49
N ALA B 348 -8.00 18.27 25.30
CA ALA B 348 -7.06 17.77 26.32
C ALA B 348 -5.94 18.77 26.58
N VAL B 349 -5.30 19.25 25.51
CA VAL B 349 -4.15 20.15 25.68
C VAL B 349 -4.51 21.50 26.31
N ILE B 350 -5.63 22.08 25.86
CA ILE B 350 -6.11 23.33 26.43
C ILE B 350 -6.46 23.18 27.91
N ASN B 351 -7.22 22.13 28.24
CA ASN B 351 -7.57 21.88 29.64
C ASN B 351 -6.36 21.64 30.53
N ALA B 352 -5.37 20.89 30.03
CA ALA B 352 -4.16 20.61 30.80
C ALA B 352 -3.28 21.87 30.96
N ALA B 353 -3.05 22.57 29.85
CA ALA B 353 -2.30 23.83 29.87
C ALA B 353 -2.95 24.88 30.80
N SER B 354 -4.28 25.02 30.71
CA SER B 354 -5.01 26.02 31.51
C SER B 354 -5.19 25.65 32.99
N GLY B 355 -4.99 24.37 33.32
CA GLY B 355 -5.20 23.90 34.68
C GLY B 355 -6.64 23.58 35.01
N ARG B 356 -7.51 23.53 34.00
CA ARG B 356 -8.87 23.01 34.19
C ARG B 356 -8.84 21.54 34.59
N GLN B 357 -7.93 20.78 33.99
CA GLN B 357 -7.71 19.36 34.29
C GLN B 357 -6.22 19.07 34.45
N THR B 358 -5.92 18.00 35.18
CA THR B 358 -4.55 17.49 35.24
C THR B 358 -4.25 16.80 33.92
N VAL B 359 -2.97 16.58 33.65
CA VAL B 359 -2.56 15.93 32.40
C VAL B 359 -3.27 14.58 32.27
N ASP B 360 -3.33 13.82 33.37
CA ASP B 360 -3.94 12.50 33.33
C ASP B 360 -5.43 12.53 33.02
N GLU B 361 -6.18 13.35 33.77
CA GLU B 361 -7.61 13.51 33.54
C GLU B 361 -7.87 13.95 32.11
N ALA B 362 -7.08 14.90 31.62
CA ALA B 362 -7.29 15.50 30.30
C ALA B 362 -7.14 14.49 29.17
N LEU B 363 -6.01 13.79 29.15
CA LEU B 363 -5.76 12.77 28.13
C LEU B 363 -6.69 11.56 28.30
N LYS B 364 -6.97 11.17 29.55
CA LYS B 364 -7.96 10.12 29.82
C LYS B 364 -9.32 10.46 29.22
N ASP B 365 -9.78 11.70 29.41
CA ASP B 365 -11.08 12.13 28.90
C ASP B 365 -11.10 12.18 27.37
N ALA B 366 -10.04 12.73 26.79
CA ALA B 366 -9.84 12.77 25.34
C ALA B 366 -9.93 11.38 24.69
N GLN B 367 -9.13 10.44 25.21
CA GLN B 367 -9.16 9.05 24.75
C GLN B 367 -10.56 8.44 24.89
N THR B 368 -11.14 8.51 26.10
CA THR B 368 -12.48 7.97 26.35
C THR B 368 -13.53 8.55 25.39
N ASN B 369 -13.47 9.84 25.15
CA ASN B 369 -14.44 10.51 24.29
C ASN B 369 -14.34 10.07 22.84
N ALA B 370 -13.12 10.09 22.31
CA ALA B 370 -12.83 9.57 20.96
C ALA B 370 -13.23 8.09 20.83
N ALA B 371 -12.71 7.26 21.75
CA ALA B 371 -13.01 5.83 21.78
C ALA B 371 -14.51 5.52 21.88
N ALA B 372 -15.24 6.32 22.65
CA ALA B 372 -16.70 6.14 22.79
C ALA B 372 -17.41 6.29 21.44
N GLU B 373 -16.91 7.21 20.61
CA GLU B 373 -17.43 7.42 19.27
C GLU B 373 -17.03 6.26 18.35
N PHE B 374 -15.74 5.93 18.35
CA PHE B 374 -15.22 4.93 17.42
C PHE B 374 -15.74 3.53 17.70
N ASP B 375 -15.90 3.21 18.99
CA ASP B 375 -16.25 1.85 19.41
C ASP B 375 -17.74 1.54 19.29
N ASP B 376 -18.55 2.55 18.95
CA ASP B 376 -19.99 2.38 18.88
C ASP B 376 -20.49 1.87 17.51
N VAL B 377 -19.64 1.90 16.50
CA VAL B 377 -20.09 1.59 15.14
C VAL B 377 -20.40 0.10 14.92
N MET B 378 -19.51 -0.79 15.36
CA MET B 378 -19.70 -2.21 15.09
C MET B 378 -20.66 -2.92 16.05
N THR B 379 -21.75 -3.45 15.50
CA THR B 379 -22.72 -4.22 16.30
C THR B 379 -22.16 -5.58 16.70
N LYS B 380 -22.66 -6.14 17.79
CA LYS B 380 -22.39 -7.54 18.14
C LYS B 380 -22.70 -8.48 16.96
N GLU B 381 -23.83 -8.26 16.29
CA GLU B 381 -24.23 -9.11 15.17
C GLU B 381 -23.14 -9.12 14.08
N GLU B 382 -22.66 -7.94 13.70
CA GLU B 382 -21.56 -7.81 12.74
C GLU B 382 -20.29 -8.55 13.18
N GLN B 383 -19.92 -8.34 14.44
CA GLN B 383 -18.77 -9.02 15.02
C GLN B 383 -18.89 -10.55 14.97
N ILE B 384 -20.07 -11.07 15.29
CA ILE B 384 -20.30 -12.50 15.19
C ILE B 384 -20.09 -12.98 13.75
N PHE B 385 -20.58 -12.23 12.75
CA PHE B 385 -20.38 -12.62 11.35
C PHE B 385 -18.91 -12.61 10.92
N LEU B 386 -18.17 -11.56 11.31
CA LEU B 386 -16.77 -11.45 10.98
C LEU B 386 -16.01 -12.66 11.55
N LEU B 387 -16.37 -13.06 12.76
CA LEU B 387 -15.76 -14.24 13.38
C LEU B 387 -16.16 -15.53 12.61
N HIS B 388 -17.44 -15.63 12.24
CA HIS B 388 -17.91 -16.74 11.43
C HIS B 388 -17.16 -16.87 10.10
N ARG B 389 -16.82 -15.73 9.49
CA ARG B 389 -16.10 -15.72 8.21
C ARG B 389 -14.67 -16.23 8.43
N ALA B 390 -14.07 -15.82 9.54
CA ALA B 390 -12.74 -16.30 9.92
C ALA B 390 -12.74 -17.83 10.15
N GLN B 391 -13.82 -18.33 10.76
CA GLN B 391 -13.97 -19.76 11.03
C GLN B 391 -14.09 -20.52 9.71
N ALA B 392 -14.87 -19.97 8.77
CA ALA B 392 -14.96 -20.54 7.43
C ALA B 392 -13.60 -20.61 6.71
N GLN B 393 -12.81 -19.55 6.84
CA GLN B 393 -11.48 -19.51 6.21
C GLN B 393 -10.57 -20.57 6.84
N CYS B 394 -10.63 -20.71 8.17
CA CYS B 394 -9.91 -21.76 8.86
C CYS B 394 -10.33 -23.15 8.35
N GLU B 395 -11.63 -23.38 8.21
CA GLU B 395 -12.11 -24.65 7.64
C GLU B 395 -11.47 -24.94 6.30
N LYS B 396 -11.48 -23.94 5.42
CA LYS B 396 -10.92 -24.10 4.08
C LYS B 396 -9.43 -24.44 4.19
N ARG B 397 -8.72 -23.70 5.05
CA ARG B 397 -7.30 -23.97 5.27
C ARG B 397 -7.05 -25.39 5.80
N LEU B 398 -7.87 -25.83 6.76
CA LEU B 398 -7.69 -27.15 7.35
C LEU B 398 -7.79 -28.26 6.32
N LYS B 399 -8.83 -28.22 5.49
CA LYS B 399 -9.02 -29.23 4.46
C LYS B 399 -7.87 -29.27 3.46
N GLU B 400 -7.29 -28.11 3.17
CA GLU B 400 -6.26 -27.98 2.16
C GLU B 400 -4.86 -28.33 2.69
N VAL B 401 -4.53 -27.85 3.88
CA VAL B 401 -3.20 -28.12 4.48
C VAL B 401 -3.07 -29.56 4.99
N LEU B 402 -4.16 -30.10 5.53
CA LEU B 402 -4.12 -31.40 6.23
C LEU B 402 -4.45 -32.60 5.34
N GLN B 403 -5.39 -32.44 4.42
CA GLN B 403 -5.76 -33.52 3.52
C GLN B 403 -5.00 -33.42 2.19
N GLY B 451 9.78 -36.02 14.40
CA GLY B 451 9.47 -34.61 14.62
C GLY B 451 8.35 -34.06 13.74
N ARG B 452 7.10 -34.34 14.10
CA ARG B 452 5.94 -33.84 13.37
C ARG B 452 5.49 -32.50 13.96
N PRO B 453 5.12 -31.52 13.10
CA PRO B 453 4.54 -30.29 13.61
C PRO B 453 3.16 -30.43 14.20
N CYS B 454 2.81 -29.53 15.10
CA CYS B 454 1.43 -29.39 15.56
C CYS B 454 0.59 -28.88 14.41
N LEU B 455 -0.63 -29.40 14.31
CA LEU B 455 -1.45 -29.13 13.15
C LEU B 455 -2.36 -27.93 13.40
N PRO B 456 -2.67 -27.18 12.33
CA PRO B 456 -3.57 -26.05 12.49
C PRO B 456 -4.93 -26.48 13.02
N GLU B 457 -5.57 -25.59 13.77
CA GLU B 457 -6.87 -25.86 14.33
C GLU B 457 -7.52 -24.56 14.81
N TRP B 458 -8.85 -24.59 14.81
CA TRP B 458 -9.72 -23.51 15.25
C TRP B 458 -10.02 -23.66 16.73
N ASP B 459 -9.88 -22.58 17.49
CA ASP B 459 -10.07 -22.63 18.94
C ASP B 459 -11.26 -21.80 19.40
N HIS B 460 -12.09 -21.42 18.43
CA HIS B 460 -13.28 -20.54 18.60
C HIS B 460 -13.01 -19.06 18.29
N ILE B 461 -11.75 -18.63 18.30
CA ILE B 461 -11.39 -17.28 17.87
C ILE B 461 -10.33 -17.23 16.79
N LEU B 462 -9.29 -18.08 16.88
CA LEU B 462 -8.14 -18.04 15.99
C LEU B 462 -7.95 -19.38 15.31
N CYS B 463 -7.50 -19.38 14.06
CA CYS B 463 -6.94 -20.56 13.39
C CYS B 463 -5.43 -20.59 13.69
N TRP B 464 -4.98 -21.59 14.45
CA TRP B 464 -3.56 -21.71 14.78
C TRP B 464 -2.84 -22.30 13.56
N PRO B 465 -1.64 -21.79 13.23
CA PRO B 465 -0.92 -22.37 12.11
C PRO B 465 -0.16 -23.62 12.54
N LEU B 466 0.54 -24.26 11.60
CA LEU B 466 1.48 -25.32 11.94
C LEU B 466 2.39 -24.79 13.02
N GLY B 467 2.73 -25.66 13.97
CA GLY B 467 3.68 -25.31 15.02
C GLY B 467 4.90 -26.21 14.91
N ALA B 468 6.10 -25.65 15.05
CA ALA B 468 7.29 -26.47 15.13
C ALA B 468 7.33 -27.24 16.47
N PRO B 469 7.69 -28.54 16.42
CA PRO B 469 7.77 -29.30 17.67
C PRO B 469 8.69 -28.59 18.69
N GLY B 470 8.18 -28.36 19.90
CA GLY B 470 8.94 -27.69 20.94
C GLY B 470 8.86 -26.17 20.99
N GLU B 471 8.21 -25.52 20.01
CA GLU B 471 8.20 -24.05 19.94
C GLU B 471 6.99 -23.41 20.61
N VAL B 472 7.22 -22.22 21.17
CA VAL B 472 6.12 -21.35 21.55
C VAL B 472 5.69 -20.66 20.25
N VAL B 473 4.43 -20.87 19.88
CA VAL B 473 3.89 -20.37 18.63
C VAL B 473 3.15 -19.05 18.89
N ALA B 474 3.56 -17.99 18.21
CA ALA B 474 2.96 -16.67 18.39
C ALA B 474 2.14 -16.34 17.16
N VAL B 475 0.87 -15.95 17.35
CA VAL B 475 -0.01 -15.54 16.25
C VAL B 475 -0.53 -14.12 16.50
N PRO B 476 -0.44 -13.24 15.48
CA PRO B 476 -0.93 -11.87 15.69
C PRO B 476 -2.39 -11.88 16.15
N CYS B 477 -2.71 -11.04 17.13
CA CYS B 477 -4.08 -10.94 17.62
C CYS B 477 -4.93 -10.63 16.39
N PRO B 478 -5.99 -11.42 16.16
CA PRO B 478 -6.74 -11.34 14.92
C PRO B 478 -7.42 -10.00 14.63
N ASP B 479 -7.14 -9.48 13.44
CA ASP B 479 -7.66 -8.19 13.02
C ASP B 479 -9.18 -8.19 12.90
N TYR B 480 -9.77 -9.37 12.76
CA TYR B 480 -11.25 -9.42 12.61
C TYR B 480 -12.01 -9.31 13.94
N ILE B 481 -11.30 -9.33 15.06
CA ILE B 481 -11.89 -9.06 16.37
C ILE B 481 -11.61 -7.59 16.66
N TYR B 482 -12.69 -6.79 16.57
CA TYR B 482 -12.55 -5.34 16.62
C TYR B 482 -11.86 -4.86 17.89
N ASP B 483 -12.22 -5.46 19.04
CA ASP B 483 -11.77 -4.92 20.33
C ASP B 483 -10.40 -5.39 20.79
N PHE B 484 -9.76 -6.26 20.02
CA PHE B 484 -8.44 -6.77 20.35
C PHE B 484 -7.34 -5.74 20.14
N ASN B 485 -6.26 -5.87 20.92
CA ASN B 485 -5.03 -5.16 20.66
C ASN B 485 -4.27 -5.85 19.53
N HIS B 486 -4.18 -5.20 18.38
CA HIS B 486 -3.63 -5.84 17.21
C HIS B 486 -2.10 -5.70 17.09
N LYS B 487 -1.49 -4.99 18.03
CA LYS B 487 -0.03 -4.98 18.16
C LYS B 487 0.42 -6.26 18.84
N GLY B 488 -0.51 -6.93 19.51
CA GLY B 488 -0.18 -8.13 20.28
C GLY B 488 -0.12 -9.42 19.50
N HIS B 489 0.38 -10.45 20.19
CA HIS B 489 0.28 -11.84 19.71
C HIS B 489 -0.40 -12.68 20.76
N ALA B 490 -1.12 -13.71 20.32
CA ALA B 490 -1.59 -14.79 21.18
C ALA B 490 -0.60 -15.94 21.07
N TYR B 491 -0.52 -16.73 22.14
CA TYR B 491 0.50 -17.78 22.22
C TYR B 491 -0.07 -19.16 22.54
N ARG B 492 0.46 -20.16 21.87
CA ARG B 492 0.35 -21.56 22.26
C ARG B 492 1.75 -22.16 22.35
N ARG B 493 1.82 -23.41 22.80
CA ARG B 493 3.08 -24.13 22.81
C ARG B 493 2.86 -25.49 22.15
N CYS B 494 3.74 -25.83 21.22
CA CYS B 494 3.73 -27.12 20.53
C CYS B 494 4.70 -28.06 21.24
N ASP B 495 4.22 -29.16 21.78
CA ASP B 495 5.13 -30.07 22.49
C ASP B 495 6.07 -30.83 21.53
N ARG B 496 7.06 -31.53 22.10
CA ARG B 496 8.10 -32.19 21.29
C ARG B 496 7.56 -33.30 20.39
N ASN B 497 6.39 -33.84 20.73
CA ASN B 497 5.76 -34.89 19.94
C ASN B 497 4.75 -34.39 18.91
N GLY B 498 4.65 -33.07 18.76
CA GLY B 498 3.73 -32.47 17.80
C GLY B 498 2.28 -32.43 18.22
N SER B 499 2.04 -32.30 19.53
CA SER B 499 0.70 -32.04 20.07
C SER B 499 0.74 -30.69 20.79
N TRP B 500 -0.29 -29.87 20.61
CA TRP B 500 -0.41 -28.61 21.34
C TRP B 500 -0.39 -28.87 22.85
N GLU B 501 0.33 -28.03 23.59
CA GLU B 501 0.49 -28.21 25.04
C GLU B 501 -0.85 -28.01 25.76
N LEU B 502 -1.13 -28.89 26.72
CA LEU B 502 -2.35 -28.82 27.50
C LEU B 502 -2.11 -28.05 28.79
N VAL B 503 -3.19 -27.52 29.37
CA VAL B 503 -3.12 -26.91 30.69
C VAL B 503 -2.78 -27.98 31.70
N PRO B 504 -1.68 -27.78 32.48
CA PRO B 504 -1.24 -28.75 33.49
C PRO B 504 -2.37 -29.19 34.39
N GLY B 505 -2.58 -30.51 34.45
CA GLY B 505 -3.64 -31.11 35.25
C GLY B 505 -4.99 -31.19 34.55
N HIS B 506 -5.10 -30.59 33.38
CA HIS B 506 -6.38 -30.49 32.67
C HIS B 506 -6.34 -30.99 31.22
N ASN B 507 -7.53 -31.17 30.64
CA ASN B 507 -7.66 -31.72 29.29
C ASN B 507 -8.05 -30.66 28.27
N ARG B 508 -7.64 -29.42 28.53
CA ARG B 508 -7.89 -28.32 27.61
C ARG B 508 -6.55 -27.81 27.11
N THR B 509 -6.58 -27.26 25.90
CA THR B 509 -5.39 -26.72 25.27
C THR B 509 -5.01 -25.38 25.88
N TRP B 510 -3.73 -25.24 26.18
CA TRP B 510 -3.21 -24.01 26.71
C TRP B 510 -3.10 -22.97 25.63
N ALA B 511 -3.56 -21.75 25.96
CA ALA B 511 -3.27 -20.58 25.14
C ALA B 511 -3.15 -19.34 26.01
N ASN B 512 -2.39 -18.36 25.54
CA ASN B 512 -2.26 -17.11 26.27
C ASN B 512 -2.71 -15.97 25.36
N TYR B 513 -3.88 -15.40 25.67
CA TYR B 513 -4.39 -14.26 24.93
C TYR B 513 -4.26 -12.95 25.71
N SER B 514 -3.36 -12.88 26.68
CA SER B 514 -3.25 -11.69 27.54
C SER B 514 -2.98 -10.41 26.75
N GLU B 515 -2.09 -10.48 25.74
CA GLU B 515 -1.78 -9.32 24.93
C GLU B 515 -3.01 -8.86 24.13
N CYS B 516 -3.79 -9.80 23.63
CA CYS B 516 -4.96 -9.46 22.82
C CYS B 516 -6.02 -8.70 23.60
N VAL B 517 -6.13 -8.98 24.90
CA VAL B 517 -7.24 -8.48 25.72
C VAL B 517 -6.89 -7.20 26.50
N LYS B 518 -5.70 -6.67 26.25
CA LYS B 518 -5.19 -5.47 26.92
C LYS B 518 -6.20 -4.30 26.99
N PHE B 519 -7.01 -4.13 25.95
CA PHE B 519 -7.98 -3.03 25.90
C PHE B 519 -9.28 -3.36 26.64
N LEU B 520 -9.46 -4.61 27.05
CA LEU B 520 -10.64 -4.98 27.81
C LEU B 520 -10.33 -4.67 29.26
N THR B 521 -11.00 -3.65 29.78
CA THR B 521 -10.61 -3.01 31.04
C THR B 521 -11.77 -2.90 32.02
N LEU C 1 -22.80 -22.65 -7.18
CA LEU C 1 -23.26 -22.71 -5.76
C LEU C 1 -23.28 -21.29 -5.15
N ASN C 2 -22.17 -20.86 -4.55
CA ASN C 2 -22.08 -19.50 -4.00
C ASN C 2 -22.35 -18.43 -5.05
N SER C 3 -21.68 -18.54 -6.20
CA SER C 3 -21.82 -17.58 -7.29
C SER C 3 -23.26 -17.42 -7.78
N MET C 4 -23.95 -18.55 -7.98
CA MET C 4 -25.34 -18.53 -8.42
C MET C 4 -26.23 -17.78 -7.43
N GLU C 5 -26.10 -18.14 -6.16
CA GLU C 5 -26.86 -17.54 -5.07
C GLU C 5 -26.58 -16.03 -5.00
N ARG C 6 -25.30 -15.67 -5.08
CA ARG C 6 -24.87 -14.29 -4.99
C ARG C 6 -25.34 -13.42 -6.18
N VAL C 7 -25.20 -13.92 -7.40
CA VAL C 7 -25.64 -13.18 -8.60
C VAL C 7 -27.17 -13.04 -8.62
N GLU C 8 -27.86 -14.11 -8.26
CA GLU C 8 -29.31 -14.10 -8.16
C GLU C 8 -29.81 -13.00 -7.20
N TRP C 9 -29.15 -12.88 -6.06
CA TRP C 9 -29.41 -11.86 -5.05
C TRP C 9 -29.17 -10.46 -5.63
N LEU C 10 -28.06 -10.29 -6.36
CA LEU C 10 -27.71 -9.01 -6.96
C LEU C 10 -28.70 -8.57 -8.03
N ARG C 11 -29.15 -9.50 -8.85
CA ARG C 11 -30.17 -9.18 -9.85
C ARG C 11 -31.44 -8.65 -9.16
N LYS C 12 -31.79 -9.24 -8.02
CA LYS C 12 -32.95 -8.77 -7.24
C LYS C 12 -32.66 -7.42 -6.60
N LYS C 13 -31.38 -7.19 -6.22
CA LYS C 13 -30.95 -5.90 -5.68
C LYS C 13 -30.91 -4.83 -6.78
N LEU C 14 -30.36 -5.24 -7.98
CA LEU C 14 -30.39 -4.32 -9.13
C LEU C 14 -31.80 -3.89 -9.51
N GLN C 15 -32.77 -4.78 -9.30
CA GLN C 15 -34.20 -4.49 -9.56
C GLN C 15 -34.85 -3.54 -8.53
N ASP C 16 -34.52 -3.69 -7.22
CA ASP C 16 -34.93 -2.73 -6.17
C ASP C 16 -34.42 -1.32 -6.53
N VAL C 17 -33.20 -1.27 -7.05
CA VAL C 17 -32.58 -0.02 -7.52
C VAL C 17 -33.43 0.60 -8.64
N HIS C 18 -33.79 -0.24 -9.62
CA HIS C 18 -34.61 0.17 -10.75
C HIS C 18 -35.97 0.70 -10.29
N ASN C 19 -36.53 0.04 -9.27
CA ASN C 19 -37.80 0.45 -8.69
C ASN C 19 -37.70 1.73 -7.87
N PHE C 20 -36.51 2.01 -7.35
CA PHE C 20 -36.24 3.25 -6.63
C PHE C 20 -36.27 4.45 -7.59
N NH2 C 21 -35.73 4.24 -8.84
N LEU D 1 -25.23 1.54 22.20
CA LEU D 1 -24.55 0.76 23.26
C LEU D 1 -24.01 -0.55 22.69
N ASN D 2 -23.56 -0.48 21.44
CA ASN D 2 -22.94 -1.60 20.75
C ASN D 2 -21.66 -2.04 21.42
N SER D 3 -20.90 -1.08 21.96
CA SER D 3 -19.61 -1.40 22.56
C SER D 3 -19.74 -2.32 23.75
N MET D 4 -20.69 -2.01 24.64
CA MET D 4 -20.95 -2.85 25.80
C MET D 4 -21.36 -4.27 25.39
N GLU D 5 -22.31 -4.35 24.46
CA GLU D 5 -22.83 -5.62 23.93
C GLU D 5 -21.74 -6.45 23.27
N ARG D 6 -20.94 -5.78 22.46
CA ARG D 6 -19.90 -6.42 21.67
C ARG D 6 -18.83 -6.96 22.60
N VAL D 7 -18.38 -6.13 23.56
CA VAL D 7 -17.30 -6.53 24.46
C VAL D 7 -17.79 -7.62 25.42
N GLU D 8 -19.03 -7.49 25.87
CA GLU D 8 -19.68 -8.50 26.70
C GLU D 8 -19.68 -9.86 26.00
N TRP D 9 -20.03 -9.86 24.72
CA TRP D 9 -19.98 -11.10 23.91
C TRP D 9 -18.56 -11.66 23.77
N LEU D 10 -17.61 -10.77 23.48
CA LEU D 10 -16.22 -11.14 23.38
C LEU D 10 -15.72 -11.83 24.63
N ARG D 11 -16.06 -11.31 25.80
CA ARG D 11 -15.67 -11.95 27.07
C ARG D 11 -16.14 -13.40 27.14
N LYS D 12 -17.40 -13.63 26.78
CA LYS D 12 -17.99 -14.97 26.71
C LYS D 12 -17.29 -15.85 25.66
N LYS D 13 -17.00 -15.27 24.50
CA LYS D 13 -16.26 -15.99 23.47
C LYS D 13 -14.86 -16.42 23.95
N LEU D 14 -14.18 -15.53 24.67
CA LEU D 14 -12.89 -15.86 25.28
C LEU D 14 -12.97 -17.00 26.30
N GLN D 15 -14.07 -17.09 27.04
CA GLN D 15 -14.33 -18.24 27.89
C GLN D 15 -14.38 -19.53 27.06
N ASP D 16 -15.05 -19.49 25.90
CA ASP D 16 -15.08 -20.62 24.97
C ASP D 16 -13.65 -21.04 24.57
N VAL D 17 -12.80 -20.04 24.32
CA VAL D 17 -11.39 -20.28 23.99
C VAL D 17 -10.67 -20.92 25.16
N HIS D 18 -10.90 -20.38 26.35
CA HIS D 18 -10.26 -20.90 27.58
C HIS D 18 -10.65 -22.36 27.85
N ASN D 19 -11.91 -22.70 27.59
CA ASN D 19 -12.40 -24.06 27.80
C ASN D 19 -11.84 -25.08 26.80
N PHE D 20 -11.58 -24.62 25.57
CA PHE D 20 -10.90 -25.41 24.56
C PHE D 20 -9.48 -25.72 25.06
N NH2 D 21 -8.78 -24.77 25.67
C1 GLC E . 11.92 -19.27 -13.45
C2 GLC E . 11.39 -18.05 -12.70
C3 GLC E . 9.97 -18.28 -12.17
C4 GLC E . 9.07 -18.84 -13.28
C5 GLC E . 9.71 -20.09 -13.90
C6 GLC E . 8.86 -20.61 -15.07
O1 GLC E . 12.26 -20.30 -12.55
O2 GLC E . 12.21 -17.81 -11.57
O3 GLC E . 9.45 -17.08 -11.63
O4 GLC E . 7.86 -19.15 -12.67
O5 GLC E . 10.99 -19.76 -14.42
O6 GLC E . 9.18 -21.96 -15.29
C1 GLC E . 6.80 -18.23 -12.82
C2 GLC E . 6.02 -18.16 -11.50
C3 GLC E . 5.43 -19.52 -11.18
C4 GLC E . 4.51 -19.93 -12.31
C5 GLC E . 5.30 -19.95 -13.63
C6 GLC E . 4.36 -20.20 -14.82
O2 GLC E . 6.87 -17.72 -10.48
O3 GLC E . 4.69 -19.43 -9.99
O4 GLC E . 3.98 -21.19 -12.00
O5 GLC E . 5.91 -18.69 -13.83
O6 GLC E . 5.10 -20.60 -15.97
C1 GLC F . -1.16 24.65 9.34
C2 GLC F . -1.14 23.29 8.64
C3 GLC F . -2.33 22.43 9.03
C4 GLC F . -2.57 22.43 10.53
C5 GLC F . -2.69 23.87 11.06
C6 GLC F . -2.90 23.93 12.57
O1 GLC F . -2.04 25.52 8.68
O2 GLC F . -1.18 23.50 7.24
O3 GLC F . -2.09 21.10 8.60
O4 GLC F . -3.74 21.70 10.83
O5 GLC F . -1.51 24.59 10.73
O6 GLC F . -3.24 25.25 12.94
C1 GLC F . -3.55 20.39 11.32
C2 GLC F . -4.54 19.50 10.60
C3 GLC F . -5.96 19.96 10.92
C4 GLC F . -6.15 19.93 12.44
C5 GLC F . -5.04 20.73 13.16
C6 GLC F . -5.08 20.51 14.69
O2 GLC F . -4.28 19.56 9.21
O3 GLC F . -6.89 19.15 10.24
O4 GLC F . -7.41 20.44 12.80
O5 GLC F . -3.76 20.32 12.72
O6 GLC F . -4.29 21.48 15.35
#